data_3ZKV
#
_entry.id   3ZKV
#
_cell.length_a   167.720
_cell.length_b   167.720
_cell.length_c   95.630
_cell.angle_alpha   90.00
_cell.angle_beta   90.00
_cell.angle_gamma   90.00
#
_symmetry.space_group_name_H-M   'P 43 21 2'
#
_entity_poly.entity_id   1
_entity_poly.type   'polypeptide(L)'
_entity_poly.pdbx_seq_one_letter_code
;MEPIDIARLEEAVVSFYRSNSQNQAITHEWLTDAEASPQAWQFSWQLMQLGKSQEVQFFGAITLHSKLMKHWHEVPPENR
EELKQKILESIVRFAGGPKIVLNRLCISLGAYIVHMLGEWPGAIEEVINTFQNQRMPNVSADVQLWIMLEVLTAIPEEAQ
VIHTSVKRVVLRAEIAKRVQLVIHTVERYLKLQMNRVWDAEAYSNMNRAVKCVGTWIKNIGYTIEGCVTITAVLLEVVHK
CYWPCIHAGDGCMTADENELAESCLKTMVNIIIQPDCHNYPKTAFVLIKMFLDSLSEITKTEWKRENDNEDIIVHIYMLF
VSSVERHSTLLLSGITSADPELSILVHRIVQEILHCTDKPGIYPVEESCSTMALAFWYMLQDEVFAMSNDEQKHKCWEYI
KPLYAHLTRILVRKSEQPDEKSLAKWSSDDLECFRCYRQDISDTFMYCYDVLNDYILEILAAMLDEAIADLQRHPTHWTK
LEACIYSFQSVAEHFGGEEKRQIPRLMRVLAEIPYEKLNVKLLGTALETMGSYCNWLMENPAYIPPAINLLVRGLNSSMS
AQATLGLKELCRDCQLQLKPYADPLLNACHASLNTGRMKNSDSVRLMFSIGKLMSLLRPEEIPKYLDIIVSPCFEELQAI
CQADSKTPAARIRTIFRLNMISTLFSSLNTDVDEQATDQPIVQPVLLVMQRTMPIFKRIAEMWVEEIDVLEAACSAMKHA
ITNLRSSFQPMLQDLCLFIVASFQTRCCAPTLEISKTAIVMFFKDEGCKPLMQQLLREFIQHSFKLFESTPEQNFSNISD
TMETFFGCLTQIIKKIPQVLEDKTLAYDRLVFYAQRGMTLPESGAIRNSIQFLTHFVMQSRNHAHVTEVVLATGEQTLYT
AMMCVGYLTPRSQVDKFADILLAMNRKYAAEMAVWMKSLMSTPNFPTQLITDADKTRYTALIIKEKVNKRLLQQHLSEMA
MKTRGLTEKFQ
;
_entity_poly.pdbx_strand_id   A
#
# COMPACT_ATOMS: atom_id res chain seq x y z
N GLN A 54 -20.64 -41.56 -0.09
CA GLN A 54 -19.36 -41.31 -0.74
C GLN A 54 -18.78 -39.96 -0.35
N GLU A 55 -19.32 -38.88 -0.92
CA GLU A 55 -18.84 -37.54 -0.63
C GLU A 55 -19.25 -37.09 0.77
N VAL A 56 -20.32 -37.68 1.29
CA VAL A 56 -20.82 -37.33 2.62
C VAL A 56 -19.99 -37.98 3.73
N GLN A 57 -19.29 -39.06 3.38
CA GLN A 57 -18.45 -39.75 4.35
C GLN A 57 -17.37 -38.81 4.88
N PHE A 58 -16.84 -37.98 3.99
CA PHE A 58 -15.87 -36.97 4.35
C PHE A 58 -16.47 -35.98 5.34
N PHE A 59 -17.75 -35.66 5.16
CA PHE A 59 -18.44 -34.76 6.07
C PHE A 59 -18.59 -35.42 7.43
N GLY A 60 -18.85 -36.73 7.45
CA GLY A 60 -18.91 -37.48 8.68
C GLY A 60 -17.59 -37.44 9.43
N ALA A 61 -16.51 -37.76 8.72
CA ALA A 61 -15.17 -37.76 9.29
C ALA A 61 -14.78 -36.38 9.79
N ILE A 62 -15.17 -35.35 9.06
CA ILE A 62 -14.88 -33.96 9.44
C ILE A 62 -15.65 -33.59 10.71
N THR A 63 -16.89 -34.08 10.81
CA THR A 63 -17.69 -33.87 12.02
C THR A 63 -17.01 -34.54 13.21
N LEU A 64 -16.45 -35.72 12.98
CA LEU A 64 -15.71 -36.43 14.03
C LEU A 64 -14.46 -35.66 14.46
N HIS A 65 -13.75 -35.09 13.50
CA HIS A 65 -12.54 -34.33 13.77
C HIS A 65 -12.85 -33.08 14.59
N SER A 66 -13.82 -32.31 14.10
CA SER A 66 -14.28 -31.10 14.79
C SER A 66 -14.77 -31.41 16.20
N LYS A 67 -15.51 -32.51 16.36
CA LYS A 67 -16.02 -32.89 17.66
C LYS A 67 -14.89 -33.28 18.61
N LEU A 68 -13.93 -34.03 18.10
CA LEU A 68 -12.78 -34.48 18.89
C LEU A 68 -11.91 -33.32 19.36
N MET A 69 -11.73 -32.34 18.49
CA MET A 69 -10.88 -31.19 18.81
C MET A 69 -11.59 -30.17 19.71
N LYS A 70 -12.84 -29.88 19.40
CA LYS A 70 -13.57 -28.80 20.07
C LYS A 70 -14.23 -29.18 21.39
N HIS A 71 -14.68 -30.43 21.51
CA HIS A 71 -15.41 -30.85 22.70
C HIS A 71 -14.80 -32.07 23.40
N TRP A 72 -13.60 -31.92 23.95
CA TRP A 72 -12.99 -32.99 24.74
C TRP A 72 -13.69 -33.10 26.08
N HIS A 73 -14.23 -31.98 26.55
CA HIS A 73 -14.92 -31.93 27.83
C HIS A 73 -16.26 -32.66 27.77
N GLU A 74 -16.81 -32.78 26.57
CA GLU A 74 -18.10 -33.46 26.38
C GLU A 74 -17.99 -34.95 26.70
N VAL A 75 -16.78 -35.49 26.61
CA VAL A 75 -16.55 -36.89 26.90
C VAL A 75 -15.60 -37.07 28.08
N PRO A 76 -16.04 -37.96 29.08
CA PRO A 76 -15.09 -38.09 30.20
C PRO A 76 -14.26 -39.36 30.08
N LYS A 99 -9.47 -41.83 0.51
CA LYS A 99 -8.17 -41.15 0.59
C LYS A 99 -8.22 -39.98 1.57
N ILE A 100 -9.07 -39.00 1.26
CA ILE A 100 -9.22 -37.82 2.12
C ILE A 100 -9.77 -38.21 3.49
N VAL A 101 -10.68 -39.18 3.48
CA VAL A 101 -11.27 -39.69 4.71
C VAL A 101 -10.19 -40.34 5.59
N LEU A 102 -9.26 -41.04 4.95
CA LEU A 102 -8.16 -41.67 5.66
C LEU A 102 -7.25 -40.64 6.32
N ASN A 103 -7.00 -39.54 5.61
CA ASN A 103 -6.15 -38.47 6.12
C ASN A 103 -6.81 -37.76 7.30
N ARG A 104 -8.10 -37.46 7.16
CA ARG A 104 -8.87 -36.85 8.24
C ARG A 104 -8.89 -37.76 9.46
N LEU A 105 -9.05 -39.05 9.23
CA LEU A 105 -9.05 -40.04 10.30
C LEU A 105 -7.71 -40.07 11.03
N CYS A 106 -6.63 -40.05 10.25
CA CYS A 106 -5.28 -40.01 10.81
C CYS A 106 -5.07 -38.74 11.65
N ILE A 107 -5.62 -37.63 11.18
CA ILE A 107 -5.54 -36.38 11.92
C ILE A 107 -6.28 -36.46 13.25
N SER A 108 -7.49 -37.01 13.21
CA SER A 108 -8.30 -37.19 14.41
C SER A 108 -7.59 -38.11 15.41
N LEU A 109 -6.94 -39.15 14.90
CA LEU A 109 -6.14 -40.05 15.73
C LEU A 109 -4.99 -39.27 16.37
N GLY A 110 -4.42 -38.35 15.60
CA GLY A 110 -3.34 -37.51 16.08
C GLY A 110 -3.78 -36.61 17.22
N ALA A 111 -4.95 -36.00 17.09
CA ALA A 111 -5.50 -35.16 18.14
C ALA A 111 -5.80 -36.00 19.39
N TYR A 112 -6.37 -37.18 19.18
CA TYR A 112 -6.65 -38.10 20.28
C TYR A 112 -5.37 -38.46 21.03
N ILE A 113 -4.29 -38.67 20.29
CA ILE A 113 -3.00 -38.99 20.90
C ILE A 113 -2.43 -37.75 21.60
N VAL A 114 -2.79 -36.58 21.11
CA VAL A 114 -2.30 -35.33 21.68
C VAL A 114 -2.98 -35.02 23.00
N HIS A 115 -4.23 -35.43 23.14
CA HIS A 115 -4.99 -35.17 24.37
C HIS A 115 -4.48 -35.96 25.56
N MET A 116 -3.84 -37.09 25.30
CA MET A 116 -3.30 -37.93 26.37
C MET A 116 -2.03 -37.32 26.95
N LEU A 117 -1.95 -37.29 28.27
CA LEU A 117 -0.77 -36.75 28.95
C LEU A 117 0.22 -37.85 29.32
N GLY A 118 -0.32 -39.04 29.61
CA GLY A 118 0.51 -40.18 29.95
C GLY A 118 1.19 -40.79 28.74
N GLY A 122 6.35 -44.04 25.93
CA GLY A 122 5.57 -42.95 25.36
C GLY A 122 4.57 -43.47 24.34
N ALA A 123 3.44 -42.77 24.22
CA ALA A 123 2.39 -43.15 23.28
C ALA A 123 2.88 -43.08 21.84
N ILE A 124 3.69 -42.06 21.55
CA ILE A 124 4.24 -41.88 20.21
C ILE A 124 5.17 -43.03 19.85
N GLU A 125 5.96 -43.49 20.82
CA GLU A 125 6.87 -44.60 20.63
C GLU A 125 6.10 -45.87 20.29
N GLU A 126 5.02 -46.10 21.03
CA GLU A 126 4.17 -47.27 20.83
C GLU A 126 3.53 -47.23 19.45
N VAL A 127 3.03 -46.06 19.06
CA VAL A 127 2.41 -45.89 17.75
C VAL A 127 3.41 -46.15 16.63
N ILE A 128 4.58 -45.52 16.73
CA ILE A 128 5.62 -45.67 15.73
C ILE A 128 6.07 -47.13 15.59
N ASN A 129 6.27 -47.79 16.72
CA ASN A 129 6.66 -49.19 16.73
C ASN A 129 5.59 -50.08 16.11
N THR A 130 4.34 -49.86 16.51
CA THR A 130 3.21 -50.65 16.02
C THR A 130 3.05 -50.51 14.50
N PHE A 131 3.15 -49.28 14.00
CA PHE A 131 2.96 -49.04 12.57
C PHE A 131 4.15 -49.50 11.74
N GLN A 132 5.36 -49.36 12.30
CA GLN A 132 6.57 -49.80 11.60
C GLN A 132 6.66 -51.32 11.56
N ASN A 133 6.05 -51.98 12.54
CA ASN A 133 6.04 -53.44 12.59
C ASN A 133 5.20 -54.05 11.46
N GLN A 134 4.38 -53.21 10.82
CA GLN A 134 3.52 -53.63 9.71
C GLN A 134 2.61 -54.80 10.08
N ARG A 135 2.13 -54.79 11.31
CA ARG A 135 1.22 -55.82 11.81
C ARG A 135 -0.11 -55.80 11.07
N MET A 136 -0.61 -54.60 10.81
CA MET A 136 -1.87 -54.43 10.11
C MET A 136 -1.72 -54.77 8.63
N SER A 140 -1.64 -53.06 3.58
CA SER A 140 -0.43 -52.71 2.84
C SER A 140 0.60 -52.03 3.74
N ALA A 141 1.86 -52.43 3.61
CA ALA A 141 2.93 -51.88 4.43
C ALA A 141 3.15 -50.39 4.14
N ASP A 142 3.18 -50.03 2.87
CA ASP A 142 3.35 -48.64 2.47
C ASP A 142 2.17 -47.78 2.92
N VAL A 143 0.96 -48.33 2.85
CA VAL A 143 -0.23 -47.63 3.30
C VAL A 143 -0.17 -47.41 4.82
N GLN A 144 0.29 -48.44 5.53
CA GLN A 144 0.44 -48.37 6.98
C GLN A 144 1.44 -47.27 7.36
N LEU A 145 2.56 -47.25 6.65
CA LEU A 145 3.58 -46.23 6.86
C LEU A 145 3.01 -44.84 6.60
N TRP A 146 2.30 -44.69 5.48
CA TRP A 146 1.65 -43.43 5.14
C TRP A 146 0.74 -42.96 6.27
N ILE A 147 -0.02 -43.89 6.82
CA ILE A 147 -0.90 -43.61 7.95
C ILE A 147 -0.09 -43.11 9.15
N MET A 148 1.01 -43.81 9.44
CA MET A 148 1.88 -43.42 10.54
C MET A 148 2.40 -42.00 10.37
N LEU A 149 2.86 -41.70 9.17
CA LEU A 149 3.42 -40.39 8.85
C LEU A 149 2.36 -39.30 8.96
N GLU A 150 1.13 -39.61 8.56
CA GLU A 150 0.05 -38.64 8.68
C GLU A 150 -0.30 -38.38 10.15
N VAL A 151 -0.24 -39.43 10.96
CA VAL A 151 -0.48 -39.29 12.39
C VAL A 151 0.59 -38.44 13.05
N LEU A 152 1.85 -38.77 12.76
CA LEU A 152 3.00 -38.06 13.31
C LEU A 152 3.04 -36.60 12.87
N THR A 153 2.60 -36.34 11.65
CA THR A 153 2.57 -34.97 11.11
C THR A 153 1.40 -34.19 11.69
N ALA A 154 0.31 -34.89 12.00
CA ALA A 154 -0.86 -34.25 12.57
C ALA A 154 -0.65 -33.94 14.06
N ILE A 155 0.22 -34.71 14.71
CA ILE A 155 0.47 -34.54 16.14
C ILE A 155 0.93 -33.13 16.59
N PRO A 156 2.01 -32.60 15.99
CA PRO A 156 2.48 -31.31 16.53
C PRO A 156 1.62 -30.12 16.08
N GLU A 157 1.04 -30.22 14.89
CA GLU A 157 0.21 -29.14 14.37
C GLU A 157 -1.09 -29.03 15.14
N GLU A 158 -1.53 -30.15 15.69
CA GLU A 158 -2.77 -30.19 16.47
C GLU A 158 -2.63 -29.39 17.77
N ALA A 159 -1.51 -29.58 18.45
CA ALA A 159 -1.24 -28.91 19.72
C ALA A 159 -1.29 -27.38 19.60
N GLN A 160 -1.03 -26.86 18.40
CA GLN A 160 -1.03 -25.42 18.20
C GLN A 160 -2.44 -24.84 18.17
N VAL A 161 -3.44 -25.70 17.98
CA VAL A 161 -4.82 -25.22 17.90
C VAL A 161 -5.78 -26.04 18.77
N ILE A 162 -5.25 -27.06 19.43
CA ILE A 162 -6.07 -27.92 20.27
C ILE A 162 -6.54 -27.19 21.54
N HIS A 163 -7.81 -27.41 21.89
CA HIS A 163 -8.36 -26.86 23.12
C HIS A 163 -8.00 -27.77 24.28
N THR A 164 -6.70 -27.87 24.55
CA THR A 164 -6.19 -28.76 25.60
C THR A 164 -6.48 -28.21 26.99
N SER A 165 -6.54 -29.11 27.96
CA SER A 165 -6.80 -28.73 29.34
C SER A 165 -5.54 -28.19 30.02
N VAL A 166 -4.39 -28.78 29.69
CA VAL A 166 -3.12 -28.36 30.25
C VAL A 166 -2.66 -27.04 29.66
N LYS A 167 -1.69 -26.41 30.31
CA LYS A 167 -1.09 -25.18 29.79
C LYS A 167 -0.36 -25.47 28.48
N ARG A 168 -0.53 -24.58 27.51
CA ARG A 168 0.00 -24.79 26.17
C ARG A 168 1.52 -24.97 26.15
N VAL A 169 2.22 -24.06 26.81
CA VAL A 169 3.68 -24.10 26.92
C VAL A 169 4.15 -25.44 27.47
N VAL A 170 3.39 -25.98 28.42
CA VAL A 170 3.71 -27.27 29.03
C VAL A 170 3.56 -28.39 28.00
N LEU A 171 2.51 -28.30 27.19
CA LEU A 171 2.27 -29.29 26.14
C LEU A 171 3.42 -29.30 25.12
N ARG A 172 3.78 -28.12 24.65
CA ARG A 172 4.91 -27.98 23.73
C ARG A 172 6.18 -28.54 24.35
N ALA A 173 6.41 -28.20 25.61
CA ALA A 173 7.57 -28.68 26.35
C ALA A 173 7.57 -30.20 26.48
N GLU A 174 6.38 -30.79 26.51
CA GLU A 174 6.24 -32.23 26.63
C GLU A 174 6.56 -32.92 25.31
N ILE A 175 6.06 -32.37 24.22
CA ILE A 175 6.31 -32.91 22.88
C ILE A 175 7.78 -32.77 22.49
N ALA A 176 8.41 -31.73 23.04
CA ALA A 176 9.83 -31.48 22.83
C ALA A 176 10.70 -32.65 23.29
N LYS A 177 10.15 -33.52 24.12
CA LYS A 177 10.87 -34.70 24.57
C LYS A 177 10.84 -35.77 23.48
N ARG A 178 9.75 -35.80 22.71
CA ARG A 178 9.58 -36.80 21.66
C ARG A 178 10.22 -36.41 20.32
N VAL A 179 10.38 -35.10 20.10
CA VAL A 179 10.94 -34.60 18.84
C VAL A 179 12.20 -35.36 18.34
N GLN A 180 13.10 -35.67 19.26
CA GLN A 180 14.35 -36.38 18.92
C GLN A 180 14.07 -37.77 18.40
N LEU A 181 13.13 -38.46 19.07
CA LEU A 181 12.73 -39.80 18.66
C LEU A 181 12.08 -39.77 17.28
N VAL A 182 11.26 -38.76 17.04
CA VAL A 182 10.62 -38.61 15.73
C VAL A 182 11.67 -38.41 14.63
N ILE A 183 12.57 -37.46 14.87
CA ILE A 183 13.65 -37.16 13.94
C ILE A 183 14.47 -38.41 13.65
N HIS A 184 14.76 -39.19 14.67
CA HIS A 184 15.51 -40.44 14.50
C HIS A 184 14.74 -41.47 13.68
N THR A 185 13.45 -41.62 13.97
CA THR A 185 12.61 -42.57 13.23
C THR A 185 12.55 -42.24 11.75
N VAL A 186 12.25 -40.99 11.43
CA VAL A 186 12.17 -40.57 10.02
C VAL A 186 13.56 -40.61 9.36
N GLU A 187 14.60 -40.40 10.16
CA GLU A 187 15.97 -40.46 9.66
C GLU A 187 16.31 -41.88 9.20
N ARG A 188 16.09 -42.83 10.10
CA ARG A 188 16.34 -44.23 9.80
C ARG A 188 15.47 -44.71 8.63
N TYR A 189 14.21 -44.26 8.61
CA TYR A 189 13.32 -44.62 7.51
C TYR A 189 13.84 -44.11 6.17
N LEU A 190 14.33 -42.88 6.15
CA LEU A 190 14.87 -42.31 4.93
C LEU A 190 16.13 -43.05 4.50
N LYS A 191 16.97 -43.39 5.47
CA LYS A 191 18.20 -44.13 5.18
C LYS A 191 17.89 -45.51 4.60
N LEU A 192 16.80 -46.11 5.05
CA LEU A 192 16.37 -47.40 4.53
C LEU A 192 15.74 -47.28 3.15
N GLN A 193 15.00 -46.19 2.92
CA GLN A 193 14.30 -45.99 1.66
C GLN A 193 15.24 -45.53 0.55
N MET A 194 16.40 -45.01 0.94
CA MET A 194 17.38 -44.51 -0.03
C MET A 194 17.93 -45.63 -0.92
N ASN A 195 18.11 -46.82 -0.33
CA ASN A 195 18.68 -47.95 -1.04
C ASN A 195 17.70 -48.54 -2.06
N ARG A 196 16.46 -48.74 -1.64
CA ARG A 196 15.43 -49.33 -2.49
C ARG A 196 15.11 -48.46 -3.70
N VAL A 197 14.50 -49.06 -4.72
CA VAL A 197 14.05 -48.31 -5.88
C VAL A 197 12.78 -47.56 -5.52
N TRP A 198 12.50 -46.47 -6.25
CA TRP A 198 11.43 -45.55 -5.84
C TRP A 198 10.18 -45.64 -6.70
N ASP A 199 9.11 -46.22 -6.15
CA ASP A 199 7.82 -46.18 -6.80
C ASP A 199 7.11 -44.88 -6.44
N ALA A 200 5.93 -44.65 -7.00
CA ALA A 200 5.18 -43.43 -6.74
C ALA A 200 4.72 -43.37 -5.28
N GLU A 201 4.29 -44.50 -4.74
CA GLU A 201 3.87 -44.57 -3.35
C GLU A 201 5.04 -44.26 -2.42
N ALA A 202 6.23 -44.70 -2.81
CA ALA A 202 7.45 -44.41 -2.06
C ALA A 202 7.80 -42.93 -2.15
N TYR A 203 7.54 -42.33 -3.30
CA TYR A 203 7.72 -40.89 -3.48
C TYR A 203 6.83 -40.13 -2.50
N SER A 204 5.54 -40.46 -2.52
CA SER A 204 4.59 -39.82 -1.62
C SER A 204 4.96 -40.04 -0.15
N ASN A 205 5.46 -41.23 0.16
CA ASN A 205 5.85 -41.55 1.52
C ASN A 205 7.06 -40.76 2.01
N MET A 206 8.12 -40.74 1.21
CA MET A 206 9.31 -39.97 1.55
C MET A 206 8.97 -38.50 1.67
N ASN A 207 8.13 -38.03 0.76
CA ASN A 207 7.64 -36.66 0.78
C ASN A 207 6.95 -36.35 2.10
N ARG A 208 6.04 -37.22 2.51
CA ARG A 208 5.31 -37.06 3.76
C ARG A 208 6.25 -37.11 4.96
N ALA A 209 7.32 -37.89 4.84
CA ALA A 209 8.30 -38.03 5.92
C ALA A 209 9.09 -36.74 6.11
N VAL A 210 9.65 -36.24 5.01
CA VAL A 210 10.39 -34.98 5.04
C VAL A 210 9.51 -33.84 5.53
N LYS A 211 8.26 -33.82 5.05
CA LYS A 211 7.30 -32.80 5.48
C LYS A 211 7.00 -32.93 6.97
N CYS A 212 6.98 -34.17 7.46
CA CYS A 212 6.75 -34.42 8.87
C CYS A 212 7.89 -33.84 9.71
N VAL A 213 9.12 -34.18 9.35
CA VAL A 213 10.28 -33.63 10.04
C VAL A 213 10.28 -32.10 10.00
N GLY A 214 9.89 -31.56 8.85
CA GLY A 214 9.81 -30.12 8.67
C GLY A 214 8.84 -29.44 9.63
N THR A 215 7.58 -29.86 9.58
CA THR A 215 6.56 -29.26 10.45
C THR A 215 6.90 -29.49 11.92
N TRP A 216 7.55 -30.62 12.21
CA TRP A 216 8.01 -30.89 13.56
C TRP A 216 9.06 -29.90 14.02
N ILE A 217 10.00 -29.57 13.13
CA ILE A 217 11.05 -28.62 13.46
C ILE A 217 10.52 -27.18 13.58
N LYS A 218 9.60 -26.82 12.70
CA LYS A 218 9.02 -25.48 12.70
C LYS A 218 8.14 -25.24 13.93
N ASN A 219 7.26 -26.19 14.22
CA ASN A 219 6.34 -26.05 15.35
C ASN A 219 7.02 -26.22 16.71
N ILE A 220 7.94 -27.19 16.80
CA ILE A 220 8.67 -27.42 18.04
C ILE A 220 10.17 -27.27 17.83
N GLY A 221 10.79 -26.46 18.69
CA GLY A 221 12.22 -26.18 18.58
C GLY A 221 13.10 -27.40 18.82
N TYR A 222 14.07 -27.60 17.95
CA TYR A 222 15.01 -28.71 18.06
C TYR A 222 16.45 -28.22 17.95
N THR A 223 17.34 -28.80 18.76
CA THR A 223 18.75 -28.47 18.72
C THR A 223 19.37 -28.81 17.37
N ILE A 224 20.12 -27.87 16.81
CA ILE A 224 20.71 -28.04 15.48
C ILE A 224 21.73 -29.18 15.44
N GLU A 225 22.39 -29.39 16.58
CA GLU A 225 23.43 -30.42 16.71
C GLU A 225 22.95 -31.77 16.20
N GLY A 226 21.72 -32.14 16.56
CA GLY A 226 21.13 -33.37 16.08
C GLY A 226 20.58 -33.22 14.67
N CYS A 227 20.29 -31.97 14.27
CA CYS A 227 19.73 -31.70 12.97
C CYS A 227 20.77 -31.83 11.85
N VAL A 228 22.04 -31.85 12.22
CA VAL A 228 23.13 -32.00 11.25
C VAL A 228 23.01 -33.24 10.34
N THR A 229 22.92 -34.41 10.97
CA THR A 229 22.89 -35.67 10.23
C THR A 229 21.68 -35.79 9.29
N ILE A 230 20.51 -35.48 9.82
CA ILE A 230 19.29 -35.52 9.02
C ILE A 230 19.35 -34.48 7.90
N THR A 231 20.07 -33.39 8.14
CA THR A 231 20.31 -32.41 7.09
C THR A 231 21.12 -33.04 5.96
N ALA A 232 22.17 -33.78 6.33
CA ALA A 232 22.97 -34.49 5.35
C ALA A 232 22.12 -35.46 4.52
N VAL A 233 21.29 -36.24 5.21
CA VAL A 233 20.37 -37.17 4.55
C VAL A 233 19.47 -36.46 3.55
N LEU A 234 18.84 -35.36 3.99
CA LEU A 234 17.97 -34.58 3.14
C LEU A 234 18.69 -34.06 1.90
N LEU A 235 19.94 -33.63 2.08
CA LEU A 235 20.78 -33.20 0.97
C LEU A 235 20.93 -34.33 -0.04
N GLU A 236 21.27 -35.51 0.46
CA GLU A 236 21.38 -36.70 -0.39
C GLU A 236 20.09 -36.94 -1.17
N VAL A 237 18.95 -36.78 -0.49
CA VAL A 237 17.65 -36.98 -1.14
C VAL A 237 17.45 -35.99 -2.28
N VAL A 238 17.75 -34.72 -2.02
CA VAL A 238 17.69 -33.68 -3.04
C VAL A 238 18.51 -34.09 -4.26
N HIS A 239 19.73 -34.52 -4.02
CA HIS A 239 20.60 -34.96 -5.11
C HIS A 239 20.01 -36.13 -5.92
N LYS A 240 19.51 -37.13 -5.20
CA LYS A 240 18.89 -38.30 -5.83
C LYS A 240 17.65 -37.92 -6.63
N CYS A 241 17.04 -36.79 -6.29
CA CYS A 241 15.88 -36.29 -7.03
C CYS A 241 16.30 -35.51 -8.26
N TYR A 242 17.40 -34.76 -8.14
CA TYR A 242 17.81 -33.86 -9.21
C TYR A 242 18.60 -34.53 -10.33
N TRP A 243 19.54 -35.41 -9.97
CA TRP A 243 20.48 -35.95 -10.97
C TRP A 243 19.93 -36.84 -12.09
N PRO A 244 19.08 -37.84 -11.77
CA PRO A 244 18.59 -38.71 -12.85
C PRO A 244 17.73 -37.99 -13.89
N CYS A 245 17.17 -36.84 -13.52
CA CYS A 245 16.31 -36.08 -14.42
C CYS A 245 17.09 -35.47 -15.59
N ILE A 246 18.36 -35.17 -15.37
CA ILE A 246 19.19 -34.54 -16.38
C ILE A 246 19.42 -35.46 -17.58
N HIS A 247 19.40 -34.89 -18.77
CA HIS A 247 19.67 -35.62 -20.01
C HIS A 247 21.06 -36.26 -20.00
N GLY A 251 17.61 -32.10 -17.99
CA GLY A 251 16.23 -31.86 -18.38
C GLY A 251 15.29 -31.69 -17.21
N CYS A 252 13.99 -31.73 -17.49
CA CYS A 252 12.97 -31.54 -16.47
C CYS A 252 12.86 -32.73 -15.54
N MET A 253 12.41 -32.50 -14.32
CA MET A 253 12.20 -33.58 -13.35
C MET A 253 10.78 -34.13 -13.48
N THR A 254 10.45 -35.12 -12.67
CA THR A 254 9.17 -35.81 -12.79
C THR A 254 8.04 -35.09 -12.06
N ALA A 255 8.31 -33.87 -11.59
CA ALA A 255 7.39 -33.09 -10.77
C ALA A 255 7.12 -33.71 -9.39
N ASP A 256 6.94 -35.03 -9.34
CA ASP A 256 6.84 -35.71 -8.07
C ASP A 256 8.21 -35.72 -7.38
N GLU A 257 9.24 -36.05 -8.15
CA GLU A 257 10.62 -35.97 -7.67
C GLU A 257 10.93 -34.53 -7.29
N ASN A 258 10.45 -33.61 -8.12
CA ASN A 258 10.57 -32.18 -7.84
C ASN A 258 9.86 -31.85 -6.54
N GLU A 259 8.67 -32.41 -6.33
CA GLU A 259 7.93 -32.20 -5.08
C GLU A 259 8.74 -32.65 -3.87
N LEU A 260 9.35 -33.83 -3.97
CA LEU A 260 10.20 -34.35 -2.91
C LEU A 260 11.38 -33.41 -2.64
N ALA A 261 12.01 -32.94 -3.70
CA ALA A 261 13.14 -32.02 -3.58
C ALA A 261 12.73 -30.73 -2.88
N GLU A 262 11.57 -30.19 -3.28
CA GLU A 262 11.04 -28.97 -2.69
C GLU A 262 10.77 -29.14 -1.20
N SER A 263 10.15 -30.27 -0.85
CA SER A 263 9.90 -30.57 0.54
C SER A 263 11.20 -30.61 1.33
N CYS A 264 12.21 -31.28 0.77
CA CYS A 264 13.52 -31.38 1.41
C CYS A 264 14.17 -30.01 1.65
N LEU A 265 14.20 -29.18 0.62
CA LEU A 265 14.78 -27.85 0.73
C LEU A 265 14.01 -27.01 1.74
N LYS A 266 12.70 -27.16 1.76
CA LYS A 266 11.86 -26.41 2.68
C LYS A 266 12.12 -26.79 4.13
N THR A 267 12.21 -28.09 4.40
CA THR A 267 12.49 -28.52 5.76
C THR A 267 13.92 -28.17 6.18
N MET A 268 14.82 -28.10 5.21
CA MET A 268 16.18 -27.59 5.49
C MET A 268 16.13 -26.12 5.90
N VAL A 269 15.32 -25.35 5.19
CA VAL A 269 15.06 -23.95 5.55
C VAL A 269 14.53 -23.85 6.98
N ASN A 270 13.55 -24.70 7.29
CA ASN A 270 12.99 -24.77 8.64
C ASN A 270 14.06 -25.06 9.69
N ILE A 271 14.97 -25.96 9.34
CA ILE A 271 16.06 -26.32 10.24
C ILE A 271 17.00 -25.15 10.50
N ILE A 272 17.37 -24.44 9.44
CA ILE A 272 18.39 -23.40 9.56
C ILE A 272 17.92 -22.12 10.26
N ILE A 273 16.64 -21.81 10.18
CA ILE A 273 16.12 -20.58 10.79
C ILE A 273 15.59 -20.81 12.20
N GLN A 274 15.76 -22.02 12.71
CA GLN A 274 15.28 -22.36 14.05
C GLN A 274 15.99 -21.56 15.13
N PRO A 275 15.22 -21.06 16.11
CA PRO A 275 15.79 -20.36 17.26
C PRO A 275 16.62 -21.30 18.12
N ASP A 276 17.79 -20.84 18.55
CA ASP A 276 18.67 -21.66 19.38
C ASP A 276 18.94 -21.02 20.72
N CYS A 277 18.81 -21.80 21.79
CA CYS A 277 19.09 -21.33 23.14
C CYS A 277 20.52 -20.82 23.23
N HIS A 278 21.44 -21.57 22.64
CA HIS A 278 22.83 -21.15 22.52
C HIS A 278 23.21 -21.07 21.04
N ASN A 279 23.41 -19.86 20.55
CA ASN A 279 23.78 -19.66 19.16
C ASN A 279 25.26 -19.96 18.92
N TYR A 280 25.53 -21.12 18.33
CA TYR A 280 26.90 -21.53 18.05
C TYR A 280 27.29 -21.18 16.62
N PRO A 281 28.38 -20.40 16.47
CA PRO A 281 28.87 -20.07 15.14
C PRO A 281 29.37 -21.31 14.43
N LYS A 282 29.91 -22.26 15.19
CA LYS A 282 30.45 -23.51 14.64
C LYS A 282 29.38 -24.36 13.94
N THR A 283 28.28 -24.61 14.63
CA THR A 283 27.22 -25.45 14.10
C THR A 283 26.56 -24.83 12.88
N ALA A 284 26.21 -23.55 12.99
CA ALA A 284 25.64 -22.80 11.88
C ALA A 284 26.58 -22.82 10.68
N PHE A 285 27.87 -22.58 10.93
CA PHE A 285 28.91 -22.64 9.90
C PHE A 285 28.93 -23.99 9.22
N VAL A 286 28.82 -25.06 10.02
CA VAL A 286 28.82 -26.42 9.49
C VAL A 286 27.63 -26.63 8.56
N LEU A 287 26.46 -26.22 9.01
CA LEU A 287 25.24 -26.34 8.20
C LEU A 287 25.35 -25.56 6.88
N ILE A 288 25.80 -24.31 6.97
CA ILE A 288 25.96 -23.47 5.78
C ILE A 288 26.93 -24.10 4.80
N LYS A 289 28.06 -24.57 5.31
CA LYS A 289 29.09 -25.18 4.49
C LYS A 289 28.57 -26.44 3.81
N MET A 290 27.73 -27.19 4.53
CA MET A 290 27.09 -28.38 3.96
C MET A 290 26.17 -27.99 2.80
N PHE A 291 25.35 -26.96 3.05
CA PHE A 291 24.44 -26.44 2.03
C PHE A 291 25.19 -26.07 0.77
N LEU A 292 26.25 -25.28 0.94
CA LEU A 292 27.06 -24.83 -0.19
C LEU A 292 27.72 -26.00 -0.92
N ASP A 293 28.50 -26.77 -0.19
CA ASP A 293 29.24 -27.90 -0.76
C ASP A 293 28.34 -28.89 -1.50
N SER A 294 27.09 -28.98 -1.06
CA SER A 294 26.18 -29.94 -1.69
C SER A 294 25.39 -29.35 -2.86
N LEU A 295 24.98 -28.08 -2.75
CA LEU A 295 24.07 -27.50 -3.73
C LEU A 295 24.74 -26.64 -4.81
N SER A 296 26.00 -26.29 -4.59
CA SER A 296 26.74 -25.46 -5.52
C SER A 296 26.85 -26.11 -6.91
N GLU A 297 26.97 -27.43 -6.94
CA GLU A 297 27.04 -28.16 -8.18
C GLU A 297 25.76 -27.97 -9.00
N ILE A 298 24.63 -28.04 -8.31
CA ILE A 298 23.33 -27.86 -8.94
C ILE A 298 23.14 -26.44 -9.43
N THR A 299 23.41 -25.46 -8.56
CA THR A 299 23.30 -24.06 -8.94
C THR A 299 24.18 -23.73 -10.14
N LYS A 300 25.39 -24.27 -10.16
CA LYS A 300 26.33 -24.04 -11.26
C LYS A 300 25.81 -24.68 -12.55
N THR A 301 25.36 -25.93 -12.43
CA THR A 301 24.87 -26.67 -13.59
C THR A 301 23.55 -26.13 -14.13
N GLU A 302 22.88 -25.27 -13.36
CA GLU A 302 21.58 -24.77 -13.77
C GLU A 302 21.52 -23.27 -14.03
N TRP A 303 22.58 -22.55 -13.65
CA TRP A 303 22.59 -21.10 -13.80
C TRP A 303 22.77 -20.68 -15.25
N LYS A 304 23.71 -21.31 -15.95
CA LYS A 304 24.04 -20.95 -17.32
C LYS A 304 22.85 -21.09 -18.26
N ARG A 305 22.22 -22.25 -18.24
CA ARG A 305 21.07 -22.50 -19.12
C ARG A 305 19.82 -21.83 -18.58
N GLU A 306 18.90 -21.51 -19.49
CA GLU A 306 17.58 -21.03 -19.10
C GLU A 306 16.76 -22.24 -18.66
N ASN A 307 17.16 -22.85 -17.57
CA ASN A 307 16.62 -24.13 -17.12
C ASN A 307 15.12 -24.09 -16.86
N ASP A 308 14.46 -25.22 -17.13
CA ASP A 308 13.02 -25.33 -16.94
C ASP A 308 12.67 -25.51 -15.46
N ASN A 309 13.55 -26.18 -14.72
CA ASN A 309 13.31 -26.43 -13.31
C ASN A 309 13.61 -25.24 -12.41
N GLU A 310 12.77 -24.22 -12.50
CA GLU A 310 12.95 -23.01 -11.70
C GLU A 310 12.77 -23.28 -10.21
N ASP A 311 11.95 -24.27 -9.87
CA ASP A 311 11.60 -24.54 -8.48
C ASP A 311 12.79 -24.90 -7.60
N ILE A 312 13.56 -25.90 -8.01
CA ILE A 312 14.72 -26.35 -7.23
C ILE A 312 15.74 -25.24 -7.02
N ILE A 313 16.00 -24.48 -8.08
CA ILE A 313 16.98 -23.40 -8.04
C ILE A 313 16.51 -22.30 -7.10
N VAL A 314 15.26 -21.87 -7.29
CA VAL A 314 14.72 -20.78 -6.49
C VAL A 314 14.59 -21.17 -5.01
N HIS A 315 14.43 -22.47 -4.74
CA HIS A 315 14.35 -22.91 -3.35
C HIS A 315 15.73 -23.13 -2.73
N ILE A 316 16.72 -23.45 -3.55
CA ILE A 316 18.10 -23.54 -3.07
C ILE A 316 18.59 -22.14 -2.73
N TYR A 317 18.37 -21.20 -3.65
CA TYR A 317 18.69 -19.80 -3.41
C TYR A 317 17.91 -19.26 -2.22
N MET A 318 16.66 -19.69 -2.09
CA MET A 318 15.84 -19.37 -0.92
C MET A 318 16.55 -19.84 0.34
N LEU A 319 17.03 -21.07 0.32
CA LEU A 319 17.74 -21.64 1.46
C LEU A 319 18.98 -20.83 1.83
N PHE A 320 19.78 -20.47 0.82
CA PHE A 320 20.97 -19.65 1.05
C PHE A 320 20.62 -18.30 1.69
N VAL A 321 19.74 -17.56 1.03
CA VAL A 321 19.32 -16.25 1.48
C VAL A 321 18.78 -16.30 2.92
N SER A 322 17.79 -17.16 3.14
CA SER A 322 17.19 -17.32 4.46
C SER A 322 18.23 -17.62 5.52
N SER A 323 19.09 -18.60 5.23
CA SER A 323 20.13 -19.01 6.16
C SER A 323 21.04 -17.85 6.53
N VAL A 324 21.36 -17.01 5.55
CA VAL A 324 22.22 -15.85 5.81
C VAL A 324 21.52 -14.78 6.63
N GLU A 325 20.26 -14.52 6.30
CA GLU A 325 19.46 -13.54 7.03
C GLU A 325 19.29 -13.93 8.49
N ARG A 326 19.20 -15.24 8.72
CA ARG A 326 19.01 -15.75 10.07
C ARG A 326 20.25 -15.59 10.95
N HIS A 327 21.44 -15.78 10.38
CA HIS A 327 22.69 -15.58 11.11
C HIS A 327 23.64 -14.64 10.36
N SER A 328 23.44 -13.33 10.49
CA SER A 328 24.24 -12.35 9.75
C SER A 328 25.51 -11.93 10.47
N THR A 329 25.48 -12.04 11.79
CA THR A 329 26.65 -11.74 12.62
C THR A 329 27.82 -12.60 12.16
N LEU A 330 27.53 -13.87 11.88
CA LEU A 330 28.49 -14.80 11.31
C LEU A 330 29.08 -14.26 10.01
N LEU A 331 28.22 -13.67 9.18
CA LEU A 331 28.64 -13.15 7.89
C LEU A 331 29.60 -11.97 8.03
N LEU A 332 29.19 -10.98 8.83
CA LEU A 332 30.01 -9.79 9.04
C LEU A 332 31.35 -10.13 9.69
N SER A 333 31.29 -10.92 10.77
CA SER A 333 32.49 -11.41 11.42
C SER A 333 33.38 -12.10 10.39
N GLY A 334 32.76 -12.90 9.54
CA GLY A 334 33.45 -13.60 8.48
C GLY A 334 34.18 -12.68 7.52
N ILE A 335 33.58 -11.53 7.23
CA ILE A 335 34.24 -10.51 6.43
C ILE A 335 35.46 -9.97 7.15
N THR A 336 35.30 -9.70 8.44
CA THR A 336 36.41 -9.15 9.24
C THR A 336 37.43 -10.21 9.67
N SER A 337 36.95 -11.38 10.10
CA SER A 337 37.82 -12.43 10.62
C SER A 337 38.93 -12.86 9.65
N ALA A 338 40.04 -13.32 10.21
CA ALA A 338 41.19 -13.75 9.42
C ALA A 338 41.16 -15.26 9.15
N ASP A 339 40.20 -15.95 9.76
CA ASP A 339 39.98 -17.37 9.51
C ASP A 339 39.66 -17.57 8.03
N PRO A 340 40.54 -18.28 7.31
CA PRO A 340 40.38 -18.52 5.88
C PRO A 340 39.07 -19.24 5.52
N GLU A 341 38.70 -20.24 6.31
CA GLU A 341 37.51 -21.03 6.03
C GLU A 341 36.24 -20.20 6.10
N LEU A 342 36.14 -19.36 7.11
CA LEU A 342 34.99 -18.49 7.30
C LEU A 342 34.87 -17.43 6.20
N SER A 343 36.00 -16.80 5.88
CA SER A 343 36.04 -15.80 4.82
C SER A 343 35.67 -16.41 3.46
N ILE A 344 36.20 -17.60 3.21
CA ILE A 344 35.90 -18.34 1.98
C ILE A 344 34.41 -18.66 1.92
N LEU A 345 33.85 -19.10 3.04
CA LEU A 345 32.42 -19.38 3.14
C LEU A 345 31.59 -18.16 2.78
N VAL A 346 31.89 -17.04 3.44
CA VAL A 346 31.22 -15.77 3.17
C VAL A 346 31.28 -15.39 1.68
N HIS A 347 32.48 -15.47 1.11
CA HIS A 347 32.67 -15.14 -0.29
C HIS A 347 31.85 -16.02 -1.21
N ARG A 348 31.83 -17.32 -0.93
CA ARG A 348 31.08 -18.27 -1.75
C ARG A 348 29.58 -17.99 -1.68
N ILE A 349 29.08 -17.72 -0.48
CA ILE A 349 27.69 -17.38 -0.29
C ILE A 349 27.31 -16.14 -1.09
N VAL A 350 28.04 -15.06 -0.83
CA VAL A 350 27.80 -13.79 -1.52
C VAL A 350 27.84 -13.97 -3.03
N GLN A 351 28.73 -14.84 -3.50
CA GLN A 351 28.80 -15.17 -4.91
C GLN A 351 27.53 -15.85 -5.42
N GLU A 352 27.01 -16.80 -4.64
CA GLU A 352 25.78 -17.48 -5.01
C GLU A 352 24.59 -16.50 -5.06
N ILE A 353 24.54 -15.58 -4.10
CA ILE A 353 23.49 -14.58 -4.07
C ILE A 353 23.63 -13.62 -5.26
N LEU A 354 24.88 -13.32 -5.63
CA LEU A 354 25.15 -12.49 -6.79
C LEU A 354 24.66 -13.16 -8.07
N HIS A 355 24.92 -14.45 -8.20
CA HIS A 355 24.43 -15.19 -9.37
C HIS A 355 22.92 -15.24 -9.37
N CYS A 356 22.33 -15.34 -8.17
CA CYS A 356 20.88 -15.34 -8.02
C CYS A 356 20.30 -14.01 -8.50
N THR A 357 21.00 -12.92 -8.19
CA THR A 357 20.55 -11.59 -8.57
C THR A 357 20.77 -11.34 -10.06
N ASP A 358 21.80 -11.96 -10.62
CA ASP A 358 22.20 -11.72 -12.00
C ASP A 358 21.78 -12.87 -12.92
N LYS A 359 20.80 -13.66 -12.47
CA LYS A 359 20.29 -14.75 -13.29
C LYS A 359 19.74 -14.20 -14.60
N PRO A 360 20.11 -14.84 -15.72
CA PRO A 360 19.73 -14.39 -17.06
C PRO A 360 18.22 -14.45 -17.26
N GLY A 361 17.70 -13.55 -18.08
CA GLY A 361 16.27 -13.50 -18.36
C GLY A 361 15.61 -12.31 -17.69
N ILE A 362 14.30 -12.21 -17.85
CA ILE A 362 13.55 -11.12 -17.23
C ILE A 362 12.54 -11.67 -16.24
N TYR A 363 12.52 -11.08 -15.05
CA TYR A 363 11.58 -11.50 -14.00
C TYR A 363 10.17 -11.06 -14.37
N PRO A 364 9.19 -11.96 -14.19
CA PRO A 364 9.37 -13.32 -13.68
C PRO A 364 9.19 -14.39 -14.74
N VAL A 365 8.99 -13.98 -15.99
CA VAL A 365 8.69 -14.91 -17.07
C VAL A 365 9.83 -15.88 -17.36
N GLU A 366 11.05 -15.38 -17.39
CA GLU A 366 12.22 -16.19 -17.72
C GLU A 366 13.02 -16.62 -16.50
N GLU A 367 12.79 -15.95 -15.37
CA GLU A 367 13.53 -16.20 -14.15
C GLU A 367 12.81 -15.63 -12.92
N SER A 368 12.81 -16.36 -11.82
CA SER A 368 12.12 -15.91 -10.61
C SER A 368 13.03 -15.75 -9.40
N CYS A 369 14.34 -15.78 -9.63
CA CYS A 369 15.31 -15.78 -8.54
C CYS A 369 15.64 -14.41 -7.97
N SER A 370 15.69 -13.40 -8.83
CA SER A 370 16.24 -12.10 -8.45
C SER A 370 15.50 -11.38 -7.32
N THR A 371 14.24 -11.73 -7.10
CA THR A 371 13.42 -10.99 -6.14
C THR A 371 13.82 -11.22 -4.69
N MET A 372 14.42 -12.38 -4.41
CA MET A 372 14.72 -12.74 -3.02
C MET A 372 16.13 -12.37 -2.57
N ALA A 373 16.86 -11.66 -3.43
CA ALA A 373 18.20 -11.21 -3.08
C ALA A 373 18.20 -9.73 -2.71
N LEU A 374 17.23 -9.00 -3.25
CA LEU A 374 17.11 -7.57 -3.01
C LEU A 374 17.02 -7.24 -1.53
N ALA A 375 16.15 -7.94 -0.83
CA ALA A 375 16.00 -7.81 0.61
C ALA A 375 17.34 -8.03 1.29
N PHE A 376 18.07 -9.06 0.85
CA PHE A 376 19.38 -9.35 1.40
C PHE A 376 20.33 -8.17 1.25
N TRP A 377 20.34 -7.55 0.08
CA TRP A 377 21.24 -6.41 -0.16
C TRP A 377 20.88 -5.25 0.75
N TYR A 378 19.58 -5.00 0.88
CA TYR A 378 19.07 -3.99 1.79
C TYR A 378 19.60 -4.21 3.21
N MET A 379 19.27 -5.38 3.76
CA MET A 379 19.66 -5.74 5.12
C MET A 379 21.16 -5.64 5.33
N LEU A 380 21.93 -6.12 4.36
CA LEU A 380 23.38 -6.10 4.44
C LEU A 380 23.89 -4.68 4.57
N GLN A 381 23.46 -3.80 3.67
CA GLN A 381 23.90 -2.41 3.73
C GLN A 381 23.52 -1.77 5.05
N ASP A 382 22.29 -2.02 5.52
CA ASP A 382 21.80 -1.42 6.75
C ASP A 382 22.59 -1.88 7.98
N GLU A 383 22.89 -3.18 8.03
CA GLU A 383 23.67 -3.76 9.12
C GLU A 383 25.09 -3.25 9.12
N VAL A 384 25.70 -3.11 7.94
CA VAL A 384 27.04 -2.53 7.86
C VAL A 384 27.02 -1.09 8.37
N PHE A 385 25.97 -0.35 8.01
CA PHE A 385 25.81 1.01 8.51
C PHE A 385 25.65 1.07 10.04
N ALA A 386 24.89 0.13 10.59
CA ALA A 386 24.61 0.10 12.02
C ALA A 386 25.81 -0.33 12.87
N MET A 387 26.57 -1.31 12.37
CA MET A 387 27.67 -1.87 13.14
C MET A 387 28.85 -0.91 13.30
N SER A 388 28.96 0.04 12.38
CA SER A 388 30.11 0.93 12.35
C SER A 388 30.21 1.82 13.58
N ASP A 390 33.92 3.31 13.67
CA ASP A 390 35.36 3.23 13.43
C ASP A 390 35.84 1.78 13.51
N GLU A 391 37.09 1.60 13.93
CA GLU A 391 37.71 0.29 14.10
C GLU A 391 37.73 -0.54 12.81
N GLN A 392 37.05 -1.68 12.84
CA GLN A 392 37.08 -2.62 11.71
C GLN A 392 36.00 -2.33 10.68
N LYS A 393 35.10 -1.41 11.00
CA LYS A 393 34.03 -1.00 10.10
C LYS A 393 34.60 -0.51 8.78
N HIS A 394 35.69 0.25 8.87
CA HIS A 394 36.42 0.73 7.71
C HIS A 394 36.82 -0.44 6.82
N LYS A 395 37.36 -1.49 7.45
CA LYS A 395 37.71 -2.71 6.73
C LYS A 395 36.48 -3.35 6.10
N CYS A 396 35.33 -3.24 6.76
CA CYS A 396 34.08 -3.73 6.18
C CYS A 396 33.69 -2.96 4.92
N TRP A 397 33.82 -1.65 4.98
CA TRP A 397 33.55 -0.79 3.82
C TRP A 397 34.46 -1.17 2.66
N GLU A 398 35.72 -1.43 2.97
CA GLU A 398 36.69 -1.84 1.97
C GLU A 398 36.22 -3.08 1.19
N TYR A 399 35.36 -3.89 1.81
CA TYR A 399 34.80 -5.05 1.12
C TYR A 399 33.45 -4.78 0.45
N ILE A 400 32.55 -4.09 1.13
CA ILE A 400 31.20 -3.93 0.58
C ILE A 400 31.10 -2.86 -0.50
N LYS A 401 32.03 -1.92 -0.52
CA LYS A 401 32.02 -0.90 -1.58
C LYS A 401 32.14 -1.47 -3.00
N PRO A 402 33.17 -2.30 -3.27
CA PRO A 402 33.23 -2.89 -4.61
C PRO A 402 32.06 -3.84 -4.86
N LEU A 403 31.56 -4.46 -3.80
CA LEU A 403 30.46 -5.40 -3.91
C LEU A 403 29.18 -4.71 -4.37
N TYR A 404 28.91 -3.53 -3.81
CA TYR A 404 27.73 -2.78 -4.20
C TYR A 404 27.92 -2.08 -5.54
N ALA A 405 29.17 -1.77 -5.87
CA ALA A 405 29.49 -1.23 -7.19
C ALA A 405 29.19 -2.29 -8.24
N HIS A 406 29.46 -3.54 -7.91
CA HIS A 406 29.18 -4.64 -8.83
C HIS A 406 27.68 -4.87 -8.89
N LEU A 407 27.01 -4.63 -7.75
CA LEU A 407 25.58 -4.84 -7.63
C LEU A 407 24.79 -3.88 -8.53
N THR A 408 25.19 -2.61 -8.53
CA THR A 408 24.49 -1.60 -9.31
C THR A 408 24.43 -1.96 -10.79
N ARG A 409 25.56 -2.43 -11.32
CA ARG A 409 25.62 -2.79 -12.74
C ARG A 409 24.65 -3.92 -13.06
N ILE A 410 24.52 -4.87 -12.12
CA ILE A 410 23.61 -5.99 -12.30
C ILE A 410 22.17 -5.51 -12.33
N LEU A 411 21.85 -4.60 -11.40
CA LEU A 411 20.51 -4.07 -11.27
C LEU A 411 20.04 -3.34 -12.52
N VAL A 412 20.96 -2.62 -13.16
CA VAL A 412 20.64 -1.91 -14.39
C VAL A 412 20.26 -2.90 -15.49
N ARG A 413 20.98 -4.02 -15.57
CA ARG A 413 20.66 -5.04 -16.55
C ARG A 413 19.35 -5.72 -16.20
N LYS A 414 19.10 -5.89 -14.90
CA LYS A 414 17.89 -6.54 -14.43
C LYS A 414 16.67 -5.63 -14.54
N SER A 415 16.91 -4.35 -14.75
CA SER A 415 15.82 -3.39 -14.89
C SER A 415 15.35 -3.32 -16.35
N GLU A 416 16.03 -4.04 -17.22
CA GLU A 416 15.71 -4.07 -18.65
C GLU A 416 14.33 -4.68 -18.90
N GLN A 417 13.45 -3.91 -19.54
CA GLN A 417 12.12 -4.39 -19.87
C GLN A 417 12.12 -5.09 -21.23
N PRO A 418 11.22 -6.09 -21.39
CA PRO A 418 11.12 -6.85 -22.64
C PRO A 418 10.86 -5.96 -23.85
N ASP A 419 11.39 -6.35 -25.01
CA ASP A 419 11.13 -5.63 -26.25
C ASP A 419 9.71 -5.90 -26.72
N GLU A 420 9.35 -5.33 -27.86
CA GLU A 420 7.99 -5.47 -28.38
C GLU A 420 7.67 -6.92 -28.70
N LYS A 421 8.66 -7.68 -29.14
CA LYS A 421 8.46 -9.07 -29.51
C LYS A 421 8.18 -9.95 -28.29
N SER A 422 9.10 -9.95 -27.32
CA SER A 422 9.01 -10.82 -26.15
C SER A 422 7.78 -10.54 -25.29
N LEU A 423 7.35 -9.27 -25.30
CA LEU A 423 6.23 -8.85 -24.47
C LEU A 423 4.92 -9.54 -24.86
N ALA A 424 4.91 -10.13 -26.04
CA ALA A 424 3.73 -10.85 -26.51
C ALA A 424 3.43 -12.06 -25.64
N LYS A 425 4.48 -12.64 -25.07
CA LYS A 425 4.34 -13.81 -24.22
C LYS A 425 3.86 -13.43 -22.82
N TRP A 426 4.05 -12.16 -22.48
CA TRP A 426 3.73 -11.66 -21.14
C TRP A 426 2.24 -11.51 -20.86
N SER A 427 1.84 -11.90 -19.65
CA SER A 427 0.50 -11.66 -19.15
C SER A 427 0.45 -10.33 -18.41
N SER A 428 -0.74 -9.84 -18.13
CA SER A 428 -0.90 -8.58 -17.41
C SER A 428 -0.34 -8.66 -15.99
N ASP A 429 -0.61 -9.77 -15.32
CA ASP A 429 -0.10 -10.00 -13.97
C ASP A 429 1.41 -10.02 -13.96
N ASP A 430 2.00 -10.61 -14.99
CA ASP A 430 3.45 -10.66 -15.13
C ASP A 430 4.04 -9.25 -15.29
N LEU A 431 3.32 -8.40 -16.03
CA LEU A 431 3.77 -7.04 -16.27
C LEU A 431 3.67 -6.18 -15.01
N GLU A 432 2.59 -6.36 -14.26
CA GLU A 432 2.43 -5.65 -12.99
C GLU A 432 3.49 -6.08 -12.00
N CYS A 433 3.72 -7.40 -11.95
CA CYS A 433 4.75 -7.98 -11.11
C CYS A 433 6.10 -7.40 -11.46
N PHE A 434 6.36 -7.25 -12.77
CA PHE A 434 7.60 -6.65 -13.23
C PHE A 434 7.69 -5.18 -12.81
N ARG A 435 6.56 -4.49 -12.77
CA ARG A 435 6.55 -3.08 -12.36
C ARG A 435 6.93 -2.93 -10.88
N CYS A 436 6.27 -3.71 -10.02
CA CYS A 436 6.63 -3.73 -8.60
C CYS A 436 8.10 -4.09 -8.43
N TYR A 437 8.53 -5.06 -9.24
CA TYR A 437 9.93 -5.48 -9.28
C TYR A 437 10.85 -4.30 -9.57
N ARG A 438 10.47 -3.47 -10.54
CA ARG A 438 11.23 -2.28 -10.88
C ARG A 438 11.26 -1.28 -9.72
N GLN A 439 10.16 -1.19 -9.00
CA GLN A 439 10.10 -0.33 -7.81
C GLN A 439 11.13 -0.81 -6.77
N ASP A 440 11.16 -2.11 -6.53
CA ASP A 440 12.14 -2.69 -5.62
C ASP A 440 13.57 -2.41 -6.08
N ILE A 441 13.79 -2.52 -7.39
CA ILE A 441 15.09 -2.23 -7.98
C ILE A 441 15.50 -0.80 -7.72
N SER A 442 14.55 0.12 -7.84
CA SER A 442 14.81 1.53 -7.55
C SER A 442 15.20 1.74 -6.08
N ASP A 443 14.49 1.07 -5.17
CA ASP A 443 14.83 1.14 -3.76
C ASP A 443 16.27 0.65 -3.53
N THR A 444 16.59 -0.48 -4.14
CA THR A 444 17.94 -1.04 -4.04
C THR A 444 18.98 -0.06 -4.58
N PHE A 445 18.63 0.65 -5.64
CA PHE A 445 19.48 1.70 -6.19
C PHE A 445 19.73 2.77 -5.14
N MET A 446 18.68 3.12 -4.41
CA MET A 446 18.82 4.10 -3.33
C MET A 446 19.83 3.64 -2.29
N TYR A 447 19.69 2.40 -1.86
CA TYR A 447 20.62 1.84 -0.87
C TYR A 447 22.06 1.82 -1.41
N CYS A 448 22.19 1.51 -2.70
CA CYS A 448 23.47 1.53 -3.38
C CYS A 448 24.08 2.93 -3.33
N TYR A 449 23.24 3.95 -3.48
CA TYR A 449 23.72 5.31 -3.32
C TYR A 449 24.20 5.53 -1.89
N ASP A 450 23.45 5.00 -0.92
CA ASP A 450 23.84 5.13 0.48
C ASP A 450 25.24 4.57 0.70
N VAL A 451 25.55 3.47 0.02
CA VAL A 451 26.88 2.86 0.13
C VAL A 451 27.96 3.57 -0.69
N LEU A 452 27.63 3.93 -1.93
CA LEU A 452 28.65 4.39 -2.87
C LEU A 452 28.74 5.91 -3.05
N ASN A 453 27.83 6.64 -2.42
CA ASN A 453 27.75 8.09 -2.59
C ASN A 453 27.60 8.46 -4.06
N ASP A 454 28.49 9.31 -4.57
CA ASP A 454 28.36 9.85 -5.92
C ASP A 454 28.96 8.96 -7.02
N TYR A 455 29.63 7.88 -6.62
CA TYR A 455 30.27 6.98 -7.58
C TYR A 455 29.24 6.19 -8.39
N ILE A 456 28.07 6.00 -7.79
CA ILE A 456 26.97 5.31 -8.44
C ILE A 456 26.61 6.02 -9.75
N LEU A 457 26.81 7.34 -9.76
CA LEU A 457 26.60 8.14 -10.96
C LEU A 457 27.62 7.84 -12.02
N GLU A 458 28.85 7.56 -11.60
CA GLU A 458 29.91 7.20 -12.53
C GLU A 458 29.58 5.87 -13.19
N ILE A 459 29.14 4.92 -12.37
CA ILE A 459 28.73 3.61 -12.90
C ILE A 459 27.57 3.72 -13.89
N LEU A 460 26.49 4.38 -13.45
CA LEU A 460 25.31 4.58 -14.28
C LEU A 460 25.67 5.28 -15.58
N ALA A 461 26.56 6.26 -15.50
CA ALA A 461 27.00 7.01 -16.67
C ALA A 461 27.73 6.11 -17.66
N ALA A 462 28.68 5.33 -17.14
CA ALA A 462 29.40 4.37 -17.96
C ALA A 462 28.44 3.46 -18.70
N MET A 463 27.48 2.91 -17.97
CA MET A 463 26.46 2.04 -18.56
C MET A 463 25.64 2.74 -19.63
N LEU A 464 25.34 4.01 -19.39
CA LEU A 464 24.57 4.80 -20.36
C LEU A 464 25.36 4.92 -21.66
N ASP A 465 26.67 5.13 -21.53
CA ASP A 465 27.57 5.21 -22.67
C ASP A 465 27.59 3.90 -23.45
N GLU A 466 27.71 2.80 -22.71
CA GLU A 466 27.68 1.49 -23.31
C GLU A 466 26.39 1.32 -24.11
N ALA A 467 25.30 1.81 -23.54
CA ALA A 467 23.99 1.74 -24.19
C ALA A 467 23.99 2.54 -25.49
N ILE A 468 24.60 3.72 -25.47
CA ILE A 468 24.67 4.56 -26.66
C ILE A 468 25.48 3.88 -27.76
N ALA A 469 26.62 3.32 -27.39
CA ALA A 469 27.49 2.63 -28.34
C ALA A 469 26.76 1.43 -28.94
N ASP A 470 26.04 0.68 -28.11
CA ASP A 470 25.23 -0.42 -28.58
C ASP A 470 24.18 0.07 -29.57
N LEU A 471 23.61 1.24 -29.28
CA LEU A 471 22.62 1.84 -30.17
C LEU A 471 23.26 2.18 -31.52
N GLN A 472 24.48 2.68 -31.49
CA GLN A 472 25.20 3.00 -32.72
C GLN A 472 25.47 1.74 -33.52
N ARG A 473 25.76 0.65 -32.82
CA ARG A 473 26.00 -0.63 -33.48
C ARG A 473 24.68 -1.22 -33.97
N HIS A 474 23.63 -1.12 -33.15
CA HIS A 474 22.32 -1.65 -33.49
C HIS A 474 21.23 -0.60 -33.30
N PRO A 475 20.76 -0.02 -34.41
CA PRO A 475 19.80 1.10 -34.41
C PRO A 475 18.41 0.69 -33.92
N THR A 476 18.19 -0.58 -33.64
CA THR A 476 16.87 -1.05 -33.23
C THR A 476 16.74 -1.09 -31.71
N HIS A 477 17.84 -1.38 -31.03
CA HIS A 477 17.85 -1.58 -29.59
C HIS A 477 17.47 -0.31 -28.82
N TRP A 478 16.50 -0.44 -27.92
CA TRP A 478 16.06 0.68 -27.09
C TRP A 478 16.01 0.28 -25.62
N THR A 479 16.21 -1.00 -25.37
CA THR A 479 16.04 -1.56 -24.04
C THR A 479 17.10 -1.09 -23.04
N LYS A 480 18.37 -1.23 -23.44
CA LYS A 480 19.49 -0.84 -22.58
C LYS A 480 19.44 0.64 -22.22
N LEU A 481 19.16 1.48 -23.20
CA LEU A 481 19.00 2.91 -22.98
C LEU A 481 17.94 3.22 -21.94
N GLU A 482 16.77 2.59 -22.11
CA GLU A 482 15.66 2.81 -21.20
C GLU A 482 16.02 2.34 -19.80
N ALA A 483 16.78 1.25 -19.72
CA ALA A 483 17.20 0.73 -18.41
C ALA A 483 18.15 1.68 -17.70
N CYS A 484 19.11 2.22 -18.45
CA CYS A 484 20.06 3.17 -17.88
C CYS A 484 19.37 4.45 -17.44
N ILE A 485 18.46 4.95 -18.26
CA ILE A 485 17.73 6.17 -17.96
C ILE A 485 16.85 5.98 -16.72
N TYR A 486 16.15 4.86 -16.66
CA TYR A 486 15.34 4.54 -15.49
C TYR A 486 16.20 4.44 -14.24
N SER A 487 17.38 3.85 -14.39
CA SER A 487 18.33 3.74 -13.30
C SER A 487 18.72 5.13 -12.79
N PHE A 488 18.95 6.05 -13.73
CA PHE A 488 19.24 7.44 -13.38
C PHE A 488 18.08 8.09 -12.63
N GLN A 489 16.87 7.81 -13.09
CA GLN A 489 15.68 8.34 -12.43
C GLN A 489 15.57 7.81 -11.01
N SER A 490 16.05 6.59 -10.79
CA SER A 490 15.94 5.96 -9.47
C SER A 490 16.74 6.66 -8.38
N VAL A 491 17.73 7.46 -8.76
CA VAL A 491 18.60 8.10 -7.78
C VAL A 491 18.44 9.62 -7.78
N ALA A 492 17.48 10.11 -8.57
CA ALA A 492 17.27 11.55 -8.76
C ALA A 492 17.06 12.36 -7.49
N GLU A 493 16.53 11.73 -6.45
CA GLU A 493 16.21 12.43 -5.21
C GLU A 493 17.43 12.90 -4.41
N HIS A 494 18.44 12.04 -4.30
CA HIS A 494 19.58 12.28 -3.42
C HIS A 494 20.42 13.52 -3.73
N PHE A 495 20.72 13.74 -5.01
CA PHE A 495 21.71 14.74 -5.40
C PHE A 495 21.31 16.17 -5.18
N GLY A 496 20.05 16.48 -5.48
CA GLY A 496 19.63 17.86 -5.51
C GLY A 496 20.16 18.51 -6.77
N GLY A 497 20.63 19.74 -6.65
CA GLY A 497 21.08 20.49 -7.81
C GLY A 497 22.56 20.41 -8.10
N GLU A 498 23.38 20.45 -7.06
CA GLU A 498 24.83 20.41 -7.20
C GLU A 498 25.40 19.33 -6.27
N GLU A 499 26.58 18.80 -6.56
CA GLU A 499 27.47 19.26 -7.62
C GLU A 499 27.21 18.62 -8.99
N LYS A 500 26.59 17.44 -8.99
CA LYS A 500 26.25 16.72 -10.22
C LYS A 500 27.46 16.25 -11.03
N ARG A 501 27.73 16.97 -12.12
CA ARG A 501 28.73 16.59 -13.12
C ARG A 501 28.41 15.25 -13.82
N GLN A 502 27.22 14.72 -13.59
CA GLN A 502 26.76 13.53 -14.29
C GLN A 502 25.35 13.75 -14.81
N ILE A 503 24.56 14.48 -14.03
CA ILE A 503 23.27 14.96 -14.50
C ILE A 503 23.34 15.75 -15.82
N PRO A 504 24.31 16.69 -15.97
CA PRO A 504 24.37 17.40 -17.25
C PRO A 504 24.63 16.46 -18.41
N ARG A 505 25.50 15.49 -18.18
CA ARG A 505 25.86 14.51 -19.20
C ARG A 505 24.63 13.73 -19.60
N LEU A 506 23.87 13.31 -18.59
CA LEU A 506 22.61 12.61 -18.80
C LEU A 506 21.67 13.46 -19.64
N MET A 507 21.61 14.76 -19.34
CA MET A 507 20.77 15.70 -20.09
C MET A 507 21.16 15.71 -21.57
N ARG A 508 22.45 15.86 -21.83
CA ARG A 508 22.97 15.85 -23.20
C ARG A 508 22.61 14.55 -23.91
N VAL A 509 22.66 13.43 -23.19
CA VAL A 509 22.32 12.15 -23.81
C VAL A 509 20.82 12.12 -24.14
N LEU A 510 20.01 12.65 -23.22
CA LEU A 510 18.57 12.71 -23.40
C LEU A 510 18.18 13.62 -24.56
N ALA A 511 19.01 14.61 -24.85
CA ALA A 511 18.78 15.51 -25.97
C ALA A 511 19.29 14.89 -27.28
N GLU A 512 20.27 14.00 -27.18
CA GLU A 512 20.86 13.40 -28.37
C GLU A 512 19.96 12.35 -29.03
N ILE A 513 19.29 11.54 -28.21
CA ILE A 513 18.48 10.42 -28.69
C ILE A 513 17.43 10.79 -29.75
N PRO A 514 17.36 10.02 -30.85
CA PRO A 514 16.45 10.24 -31.98
C PRO A 514 14.97 10.16 -31.63
N TYR A 515 14.61 9.30 -30.68
CA TYR A 515 13.22 9.08 -30.27
C TYR A 515 12.31 8.57 -31.39
N GLU A 516 12.29 9.30 -32.51
CA GLU A 516 11.45 8.93 -33.65
C GLU A 516 11.83 7.56 -34.20
N LYS A 517 13.12 7.27 -34.22
CA LYS A 517 13.62 6.02 -34.77
C LYS A 517 13.33 4.83 -33.86
N LEU A 518 13.35 5.06 -32.56
CA LEU A 518 13.18 4.00 -31.58
C LEU A 518 11.78 3.94 -31.00
N ASN A 519 11.54 2.96 -30.14
CA ASN A 519 10.26 2.80 -29.45
C ASN A 519 9.93 4.03 -28.61
N VAL A 520 8.64 4.28 -28.39
CA VAL A 520 8.19 5.47 -27.69
C VAL A 520 8.24 5.31 -26.17
N LYS A 521 8.32 4.07 -25.71
CA LYS A 521 8.42 3.78 -24.28
C LYS A 521 9.69 4.40 -23.71
N LEU A 522 10.75 4.36 -24.51
CA LEU A 522 12.01 5.01 -24.19
C LEU A 522 11.78 6.49 -23.96
N LEU A 523 11.03 7.11 -24.88
CA LEU A 523 10.70 8.53 -24.78
C LEU A 523 9.91 8.84 -23.52
N GLY A 524 8.93 8.00 -23.20
CA GLY A 524 8.13 8.18 -22.00
C GLY A 524 8.94 8.11 -20.72
N THR A 525 9.82 7.12 -20.65
CA THR A 525 10.69 6.98 -19.48
C THR A 525 11.64 8.17 -19.39
N ALA A 526 12.13 8.63 -20.54
CA ALA A 526 13.01 9.80 -20.59
C ALA A 526 12.29 11.05 -20.09
N LEU A 527 11.00 11.14 -20.38
CA LEU A 527 10.17 12.23 -19.89
C LEU A 527 10.00 12.15 -18.37
N GLU A 528 9.73 10.95 -17.85
CA GLU A 528 9.60 10.76 -16.41
C GLU A 528 10.89 11.14 -15.68
N THR A 529 12.02 10.74 -16.27
CA THR A 529 13.31 11.00 -15.68
C THR A 529 13.65 12.49 -15.71
N MET A 530 13.34 13.14 -16.82
CA MET A 530 13.54 14.57 -16.94
C MET A 530 12.69 15.29 -15.91
N GLY A 531 11.49 14.77 -15.68
CA GLY A 531 10.61 15.31 -14.65
C GLY A 531 11.17 15.10 -13.26
N SER A 532 11.90 14.01 -13.07
CA SER A 532 12.50 13.70 -11.78
C SER A 532 13.65 14.66 -11.45
N TYR A 533 14.28 15.22 -12.48
CA TYR A 533 15.43 16.11 -12.28
C TYR A 533 15.08 17.59 -12.41
N CYS A 534 13.83 17.93 -12.08
CA CYS A 534 13.36 19.30 -12.21
C CYS A 534 13.99 20.25 -11.20
N ASN A 535 14.25 19.75 -9.99
CA ASN A 535 14.90 20.55 -8.95
C ASN A 535 16.35 20.82 -9.37
N TRP A 536 16.93 19.84 -10.04
CA TRP A 536 18.28 19.98 -10.55
C TRP A 536 18.30 21.07 -11.63
N LEU A 537 17.26 21.11 -12.45
CA LEU A 537 17.11 22.15 -13.45
C LEU A 537 16.85 23.50 -12.78
N MET A 538 16.32 23.47 -11.56
CA MET A 538 16.08 24.68 -10.80
C MET A 538 17.40 25.28 -10.35
N GLU A 539 18.33 24.42 -9.98
CA GLU A 539 19.64 24.88 -9.56
C GLU A 539 20.56 25.27 -10.73
N ASN A 540 20.31 24.69 -11.89
CA ASN A 540 21.05 25.04 -13.11
C ASN A 540 20.16 25.59 -14.20
N PRO A 541 20.26 26.91 -14.44
CA PRO A 541 19.41 27.62 -15.41
C PRO A 541 19.74 27.23 -16.85
N ALA A 542 20.93 26.70 -17.10
CA ALA A 542 21.42 26.48 -18.45
C ALA A 542 20.69 25.39 -19.25
N TYR A 543 20.40 24.26 -18.61
CA TYR A 543 19.90 23.09 -19.32
C TYR A 543 18.38 23.03 -19.47
N ILE A 544 17.71 24.17 -19.31
CA ILE A 544 16.25 24.20 -19.40
C ILE A 544 15.66 24.10 -20.82
N PRO A 545 16.21 24.85 -21.79
CA PRO A 545 15.62 24.73 -23.15
C PRO A 545 15.60 23.34 -23.82
N PRO A 546 16.68 22.53 -23.69
CA PRO A 546 16.52 21.20 -24.29
C PRO A 546 15.48 20.36 -23.56
N ALA A 547 15.35 20.60 -22.26
CA ALA A 547 14.35 19.91 -21.44
C ALA A 547 12.93 20.25 -21.87
N ILE A 548 12.67 21.54 -22.08
CA ILE A 548 11.35 21.97 -22.52
C ILE A 548 11.06 21.50 -23.95
N ASN A 549 12.09 21.48 -24.79
CA ASN A 549 11.96 20.92 -26.14
C ASN A 549 11.57 19.44 -26.10
N LEU A 550 12.27 18.68 -25.26
CA LEU A 550 11.97 17.26 -25.07
C LEU A 550 10.55 17.07 -24.56
N LEU A 551 10.12 17.95 -23.65
CA LEU A 551 8.77 17.88 -23.13
C LEU A 551 7.72 18.15 -24.21
N VAL A 552 8.02 19.09 -25.11
CA VAL A 552 7.13 19.36 -26.23
C VAL A 552 7.02 18.16 -27.16
N ARG A 553 8.18 17.59 -27.52
CA ARG A 553 8.22 16.37 -28.31
C ARG A 553 7.41 15.27 -27.64
N GLY A 554 7.42 15.28 -26.31
CA GLY A 554 6.67 14.32 -25.53
C GLY A 554 5.17 14.57 -25.61
N LEU A 555 4.80 15.84 -25.67
CA LEU A 555 3.41 16.22 -25.80
C LEU A 555 2.88 15.81 -27.16
N ASN A 556 3.77 15.79 -28.15
CA ASN A 556 3.40 15.34 -29.49
C ASN A 556 3.12 13.83 -29.53
N SER A 557 3.87 13.06 -28.75
CA SER A 557 3.75 11.59 -28.76
C SER A 557 2.62 11.07 -27.87
N SER A 558 2.46 9.75 -27.86
CA SER A 558 1.42 9.10 -27.07
C SER A 558 1.85 8.96 -25.61
N MET A 559 3.10 9.30 -25.33
CA MET A 559 3.60 9.34 -23.97
C MET A 559 3.38 10.73 -23.40
N SER A 560 2.22 11.31 -23.74
CA SER A 560 1.89 12.66 -23.34
C SER A 560 1.59 12.75 -21.85
N ALA A 561 1.16 11.65 -21.25
CA ALA A 561 0.90 11.64 -19.81
C ALA A 561 2.19 11.90 -19.03
N GLN A 562 3.23 11.17 -19.38
CA GLN A 562 4.54 11.37 -18.75
C GLN A 562 5.10 12.75 -19.06
N ALA A 563 4.88 13.21 -20.30
CA ALA A 563 5.35 14.51 -20.73
C ALA A 563 4.70 15.64 -19.94
N THR A 564 3.44 15.45 -19.58
CA THR A 564 2.69 16.48 -18.88
C THR A 564 2.91 16.40 -17.38
N LEU A 565 3.14 15.21 -16.87
CA LEU A 565 3.53 15.06 -15.47
C LEU A 565 4.88 15.75 -15.27
N GLY A 566 5.78 15.54 -16.21
CA GLY A 566 7.09 16.17 -16.17
C GLY A 566 7.03 17.66 -16.41
N LEU A 567 6.10 18.09 -17.26
CA LEU A 567 5.93 19.50 -17.55
C LEU A 567 5.39 20.25 -16.34
N LYS A 568 4.41 19.64 -15.69
CA LYS A 568 3.84 20.17 -14.46
C LYS A 568 4.92 20.23 -13.39
N GLU A 569 5.75 19.19 -13.35
CA GLU A 569 6.85 19.14 -12.39
C GLU A 569 7.92 20.17 -12.70
N LEU A 570 7.94 20.63 -13.96
CA LEU A 570 8.89 21.64 -14.39
C LEU A 570 8.32 23.03 -14.16
N CYS A 571 7.00 23.10 -13.99
CA CYS A 571 6.35 24.39 -13.75
C CYS A 571 6.22 24.67 -12.26
N ARG A 572 6.14 23.63 -11.45
CA ARG A 572 6.02 23.79 -10.01
C ARG A 572 7.29 24.41 -9.40
N ASP A 573 8.45 23.96 -9.87
CA ASP A 573 9.72 24.54 -9.46
C ASP A 573 10.42 25.14 -10.67
N CYS A 574 11.49 25.90 -10.43
CA CYS A 574 12.16 26.71 -11.46
C CYS A 574 11.20 27.45 -12.39
N GLN A 575 10.11 27.96 -11.81
CA GLN A 575 9.12 28.70 -12.57
C GLN A 575 9.68 30.02 -13.09
N LEU A 576 10.45 30.70 -12.24
CA LEU A 576 10.95 32.04 -12.56
C LEU A 576 11.95 32.01 -13.72
N GLN A 577 12.68 30.91 -13.80
CA GLN A 577 13.70 30.73 -14.83
C GLN A 577 13.07 30.44 -16.20
N LEU A 578 11.78 30.10 -16.18
CA LEU A 578 11.05 29.76 -17.39
C LEU A 578 10.32 30.98 -17.96
N LYS A 579 10.54 32.14 -17.34
CA LYS A 579 9.91 33.38 -17.80
C LYS A 579 10.29 33.81 -19.23
N PRO A 580 11.58 33.69 -19.60
CA PRO A 580 11.91 34.03 -21.00
C PRO A 580 11.27 33.10 -22.04
N TYR A 581 11.03 31.85 -21.66
CA TYR A 581 10.57 30.84 -22.61
C TYR A 581 9.06 30.65 -22.57
N ALA A 582 8.37 31.65 -22.03
CA ALA A 582 6.92 31.60 -21.82
C ALA A 582 6.13 31.46 -23.11
N ASP A 583 6.12 32.53 -23.90
CA ASP A 583 5.35 32.58 -25.15
C ASP A 583 5.54 31.39 -26.12
N PRO A 584 6.81 31.01 -26.41
CA PRO A 584 6.98 29.86 -27.30
C PRO A 584 6.39 28.59 -26.72
N LEU A 585 6.58 28.39 -25.42
CA LEU A 585 6.04 27.23 -24.74
C LEU A 585 4.50 27.22 -24.82
N LEU A 586 3.90 28.39 -24.67
CA LEU A 586 2.45 28.51 -24.77
C LEU A 586 1.94 28.22 -26.18
N ASN A 587 2.69 28.70 -27.17
CA ASN A 587 2.38 28.39 -28.57
C ASN A 587 2.46 26.89 -28.82
N ALA A 588 3.43 26.24 -28.19
CA ALA A 588 3.61 24.79 -28.33
C ALA A 588 2.48 24.02 -27.66
N CYS A 589 2.05 24.47 -26.50
CA CYS A 589 0.94 23.83 -25.78
C CYS A 589 -0.37 24.00 -26.53
N HIS A 590 -0.60 25.19 -27.06
CA HIS A 590 -1.77 25.45 -27.88
C HIS A 590 -1.75 24.60 -29.14
N ALA A 591 -0.56 24.46 -29.72
CA ALA A 591 -0.38 23.62 -30.90
C ALA A 591 -0.74 22.17 -30.59
N SER A 592 -0.28 21.69 -29.45
CA SER A 592 -0.57 20.33 -29.01
C SER A 592 -2.06 20.16 -28.74
N LEU A 593 -2.70 21.25 -28.31
CA LEU A 593 -4.13 21.22 -28.00
C LEU A 593 -5.00 21.20 -29.25
N ASN A 594 -4.57 21.90 -30.31
CA ASN A 594 -5.30 21.90 -31.57
C ASN A 594 -5.39 20.52 -32.21
N THR A 595 -4.30 19.77 -32.14
CA THR A 595 -4.30 18.38 -32.58
C THR A 595 -5.26 17.58 -31.72
N GLY A 596 -6.14 16.82 -32.36
CA GLY A 596 -7.19 16.12 -31.64
C GLY A 596 -6.74 14.92 -30.83
N ARG A 597 -5.51 14.47 -31.06
CA ARG A 597 -5.03 13.22 -30.47
C ARG A 597 -5.01 13.19 -28.94
N MET A 598 -4.35 14.17 -28.33
CA MET A 598 -4.07 14.19 -26.90
C MET A 598 -5.26 13.82 -26.00
N LYS A 599 -5.02 12.89 -25.08
CA LYS A 599 -6.06 12.37 -24.20
C LYS A 599 -6.68 13.45 -23.32
N ASN A 600 -7.91 13.20 -22.87
CA ASN A 600 -8.66 14.19 -22.10
C ASN A 600 -8.03 14.58 -20.76
N SER A 601 -7.46 13.59 -20.06
CA SER A 601 -6.84 13.85 -18.76
C SER A 601 -5.55 14.65 -18.92
N ASP A 602 -4.76 14.24 -19.91
CA ASP A 602 -3.50 14.91 -20.21
C ASP A 602 -3.74 16.37 -20.58
N SER A 603 -4.89 16.66 -21.18
CA SER A 603 -5.25 18.03 -21.54
C SER A 603 -5.52 18.86 -20.29
N VAL A 604 -6.11 18.21 -19.28
CA VAL A 604 -6.37 18.84 -18.00
C VAL A 604 -5.05 19.20 -17.32
N ARG A 605 -4.17 18.22 -17.18
CA ARG A 605 -2.85 18.47 -16.58
C ARG A 605 -2.07 19.54 -17.36
N LEU A 606 -2.19 19.49 -18.69
CA LEU A 606 -1.55 20.49 -19.53
C LEU A 606 -2.16 21.84 -19.24
N MET A 607 -3.43 21.85 -18.84
CA MET A 607 -4.08 23.11 -18.51
C MET A 607 -3.50 23.67 -17.21
N PHE A 608 -3.16 22.78 -16.27
CA PHE A 608 -2.41 23.22 -15.10
C PHE A 608 -1.10 23.90 -15.53
N SER A 609 -0.32 23.18 -16.33
CA SER A 609 0.97 23.72 -16.77
C SER A 609 0.82 25.06 -17.50
N ILE A 610 -0.20 25.15 -18.35
CA ILE A 610 -0.47 26.34 -19.15
C ILE A 610 -0.86 27.52 -18.28
N GLY A 611 -1.60 27.24 -17.21
CA GLY A 611 -1.94 28.28 -16.25
C GLY A 611 -0.71 28.80 -15.54
N LYS A 612 0.06 27.87 -14.97
CA LYS A 612 1.29 28.23 -14.26
C LYS A 612 2.23 29.01 -15.17
N LEU A 613 2.18 28.73 -16.46
CA LEU A 613 3.05 29.38 -17.43
C LEU A 613 2.47 30.72 -17.91
N MET A 614 1.15 30.87 -17.79
CA MET A 614 0.49 32.13 -18.14
C MET A 614 0.67 33.14 -17.03
N SER A 615 0.90 32.64 -15.82
CA SER A 615 1.13 33.50 -14.66
C SER A 615 2.30 34.47 -14.88
N LEU A 616 3.34 34.02 -15.57
CA LEU A 616 4.52 34.84 -15.80
C LEU A 616 4.49 35.52 -17.16
N LEU A 617 3.44 36.30 -17.40
CA LEU A 617 3.24 36.92 -18.70
C LEU A 617 2.99 38.43 -18.62
N ARG A 618 3.41 39.14 -19.67
CA ARG A 618 3.13 40.57 -19.78
C ARG A 618 1.62 40.76 -19.91
N PRO A 619 1.09 41.80 -19.24
CA PRO A 619 -0.36 42.04 -19.19
C PRO A 619 -0.97 42.29 -20.57
N GLU A 620 -0.19 42.84 -21.49
CA GLU A 620 -0.67 43.14 -22.84
C GLU A 620 -0.81 41.88 -23.67
N GLU A 621 -0.02 40.86 -23.36
CA GLU A 621 -0.02 39.62 -24.13
C GLU A 621 -0.98 38.59 -23.57
N ILE A 622 -1.45 38.81 -22.35
CA ILE A 622 -2.33 37.83 -21.69
C ILE A 622 -3.74 37.62 -22.29
N PRO A 623 -4.36 38.66 -22.90
CA PRO A 623 -5.69 38.36 -23.44
C PRO A 623 -5.65 37.50 -24.70
N LYS A 624 -4.53 37.54 -25.41
CA LYS A 624 -4.35 36.76 -26.63
C LYS A 624 -4.46 35.26 -26.37
N TYR A 625 -3.87 34.81 -25.27
CA TYR A 625 -3.91 33.40 -24.92
C TYR A 625 -5.23 33.03 -24.24
N LEU A 626 -5.86 34.02 -23.60
CA LEU A 626 -7.16 33.80 -22.98
C LEU A 626 -8.23 33.54 -24.04
N ASP A 627 -8.06 34.17 -25.20
CA ASP A 627 -8.98 33.98 -26.32
C ASP A 627 -8.63 32.72 -27.10
N ILE A 628 -7.36 32.32 -27.06
CA ILE A 628 -6.89 31.17 -27.81
C ILE A 628 -7.06 29.86 -27.05
N ILE A 629 -6.72 29.86 -25.76
CA ILE A 629 -6.74 28.63 -24.97
C ILE A 629 -8.00 28.47 -24.13
N VAL A 630 -8.33 29.50 -23.34
CA VAL A 630 -9.44 29.40 -22.39
C VAL A 630 -10.82 29.53 -23.06
N SER A 631 -10.90 30.37 -24.09
CA SER A 631 -12.18 30.64 -24.76
C SER A 631 -12.89 29.46 -25.44
N PRO A 632 -12.15 28.60 -26.17
CA PRO A 632 -12.81 27.45 -26.82
C PRO A 632 -13.57 26.56 -25.84
N CYS A 633 -13.15 26.54 -24.58
CA CYS A 633 -13.83 25.76 -23.55
C CYS A 633 -15.21 26.34 -23.27
N PHE A 634 -15.29 27.66 -23.13
CA PHE A 634 -16.55 28.33 -22.89
C PHE A 634 -17.46 28.30 -24.10
N GLU A 635 -16.88 28.39 -25.29
CA GLU A 635 -17.64 28.30 -26.53
C GLU A 635 -18.34 26.95 -26.64
N GLU A 636 -17.61 25.90 -26.27
CA GLU A 636 -18.14 24.54 -26.36
C GLU A 636 -19.19 24.30 -25.29
N LEU A 637 -19.02 24.92 -24.13
CA LEU A 637 -20.01 24.84 -23.06
C LEU A 637 -21.30 25.54 -23.48
N GLN A 638 -21.15 26.68 -24.17
CA GLN A 638 -22.29 27.43 -24.66
C GLN A 638 -23.03 26.65 -25.74
N ALA A 639 -22.27 25.94 -26.58
CA ALA A 639 -22.85 25.13 -27.64
C ALA A 639 -23.72 24.01 -27.09
N ILE A 640 -23.27 23.42 -25.98
CA ILE A 640 -24.03 22.37 -25.32
C ILE A 640 -25.28 22.95 -24.66
N CYS A 641 -25.16 24.15 -24.12
CA CYS A 641 -26.29 24.84 -23.52
C CYS A 641 -27.32 25.22 -24.57
N GLN A 642 -26.85 25.60 -25.76
CA GLN A 642 -27.74 25.97 -26.86
C GLN A 642 -28.49 24.76 -27.39
N ALA A 643 -27.78 23.64 -27.53
CA ALA A 643 -28.38 22.41 -28.02
C ALA A 643 -29.27 21.77 -26.95
N ASP A 644 -29.15 22.28 -25.73
CA ASP A 644 -29.84 21.75 -24.55
C ASP A 644 -29.31 20.37 -24.11
N SER A 645 -28.48 19.78 -24.97
CA SER A 645 -27.73 18.56 -24.65
C SER A 645 -28.57 17.38 -24.16
N LYS A 646 -28.30 16.97 -22.91
CA LYS A 646 -28.89 15.79 -22.29
C LYS A 646 -28.45 14.47 -22.92
N THR A 647 -27.45 14.54 -23.79
CA THR A 647 -26.81 13.34 -24.33
C THR A 647 -25.55 13.07 -23.52
N PRO A 648 -25.20 11.78 -23.32
CA PRO A 648 -24.06 11.37 -22.50
C PRO A 648 -22.73 11.99 -22.96
N ALA A 649 -22.52 12.07 -24.26
CA ALA A 649 -21.31 12.66 -24.81
C ALA A 649 -21.20 14.13 -24.41
N ALA A 650 -22.33 14.82 -24.41
CA ALA A 650 -22.37 16.22 -23.99
C ALA A 650 -22.04 16.35 -22.50
N ARG A 651 -22.46 15.35 -21.72
CA ARG A 651 -22.12 15.29 -20.30
C ARG A 651 -20.61 15.18 -20.11
N ILE A 652 -20.02 14.19 -20.78
CA ILE A 652 -18.58 13.97 -20.71
C ILE A 652 -17.79 15.20 -21.15
N ARG A 653 -18.26 15.85 -22.22
CA ARG A 653 -17.61 17.04 -22.75
C ARG A 653 -17.69 18.22 -21.79
N THR A 654 -18.88 18.42 -21.22
CA THR A 654 -19.09 19.50 -20.26
C THR A 654 -18.18 19.33 -19.04
N ILE A 655 -18.18 18.11 -18.51
CA ILE A 655 -17.31 17.77 -17.38
C ILE A 655 -15.85 18.02 -17.72
N PHE A 656 -15.45 17.60 -18.92
CA PHE A 656 -14.09 17.81 -19.42
C PHE A 656 -13.69 19.29 -19.42
N ARG A 657 -14.52 20.10 -20.05
CA ARG A 657 -14.26 21.54 -20.12
C ARG A 657 -14.17 22.15 -18.74
N LEU A 658 -15.13 21.81 -17.88
CA LEU A 658 -15.12 22.29 -16.50
C LEU A 658 -13.83 21.90 -15.78
N ASN A 659 -13.34 20.69 -16.03
CA ASN A 659 -12.09 20.23 -15.46
C ASN A 659 -10.90 21.05 -15.93
N MET A 660 -10.83 21.30 -17.24
CA MET A 660 -9.78 22.13 -17.81
C MET A 660 -9.79 23.51 -17.19
N ILE A 661 -10.98 24.08 -17.04
CA ILE A 661 -11.15 25.40 -16.45
C ILE A 661 -10.69 25.43 -14.99
N SER A 662 -11.15 24.45 -14.21
CA SER A 662 -10.78 24.35 -12.80
C SER A 662 -9.28 24.29 -12.64
N THR A 663 -8.66 23.45 -13.47
CA THR A 663 -7.23 23.23 -13.41
C THR A 663 -6.45 24.47 -13.84
N LEU A 664 -6.98 25.19 -14.82
CA LEU A 664 -6.40 26.45 -15.25
C LEU A 664 -6.42 27.46 -14.10
N PHE A 665 -7.55 27.50 -13.40
CA PHE A 665 -7.71 28.39 -12.25
C PHE A 665 -6.80 27.97 -11.11
N SER A 666 -6.45 26.70 -11.08
CA SER A 666 -5.67 26.12 -9.98
C SER A 666 -4.19 26.53 -10.03
N SER A 667 -3.76 27.12 -11.13
CA SER A 667 -2.34 27.43 -11.32
C SER A 667 -2.07 28.88 -11.74
N LEU A 668 -3.07 29.52 -12.33
CA LEU A 668 -2.91 30.87 -12.86
C LEU A 668 -2.89 31.92 -11.75
N ASN A 669 -1.69 32.25 -11.28
CA ASN A 669 -1.53 33.28 -10.25
C ASN A 669 -0.50 34.33 -10.64
N THR A 670 -0.98 35.53 -10.90
CA THR A 670 -0.14 36.64 -11.39
C THR A 670 1.01 36.98 -10.45
N ASP A 671 0.74 37.01 -9.15
CA ASP A 671 1.75 37.40 -8.17
C ASP A 671 2.93 36.44 -8.17
N VAL A 672 4.10 36.97 -8.53
CA VAL A 672 5.33 36.20 -8.55
C VAL A 672 6.47 37.01 -7.93
N ASP A 673 7.15 36.40 -6.97
CA ASP A 673 8.24 37.05 -6.24
C ASP A 673 7.78 38.34 -5.56
N ASP A 678 6.11 44.44 -16.81
CA ASP A 678 6.13 43.76 -15.52
C ASP A 678 4.86 42.93 -15.31
N GLN A 679 4.59 42.58 -14.05
CA GLN A 679 3.43 41.76 -13.72
C GLN A 679 2.13 42.56 -13.87
N PRO A 680 1.08 41.91 -14.40
CA PRO A 680 -0.26 42.51 -14.52
C PRO A 680 -0.83 42.92 -13.17
N ILE A 681 -1.50 44.06 -13.12
CA ILE A 681 -2.07 44.56 -11.87
C ILE A 681 -3.30 43.73 -11.46
N VAL A 682 -4.07 43.31 -12.45
CA VAL A 682 -5.30 42.56 -12.19
C VAL A 682 -5.13 41.07 -12.51
N GLN A 683 -5.65 40.22 -11.62
CA GLN A 683 -5.65 38.78 -11.84
C GLN A 683 -6.58 38.40 -12.98
N PRO A 684 -6.09 37.58 -13.92
CA PRO A 684 -6.85 37.16 -15.10
C PRO A 684 -8.02 36.27 -14.72
N VAL A 685 -7.79 35.37 -13.77
CA VAL A 685 -8.81 34.41 -13.35
C VAL A 685 -10.10 35.14 -12.97
N LEU A 686 -9.96 36.11 -12.07
CA LEU A 686 -11.08 36.95 -11.62
C LEU A 686 -11.88 37.52 -12.79
N LEU A 687 -11.16 38.11 -13.75
CA LEU A 687 -11.76 38.66 -14.95
C LEU A 687 -12.58 37.60 -15.69
N VAL A 688 -11.97 36.44 -15.90
CA VAL A 688 -12.66 35.32 -16.56
C VAL A 688 -13.94 34.94 -15.81
N MET A 689 -13.85 34.87 -14.48
CA MET A 689 -15.00 34.58 -13.63
C MET A 689 -16.13 35.57 -13.90
N GLN A 690 -15.77 36.85 -13.86
CA GLN A 690 -16.73 37.93 -14.11
C GLN A 690 -17.39 37.76 -15.47
N ARG A 691 -16.63 37.34 -16.46
CA ARG A 691 -17.19 37.16 -17.79
C ARG A 691 -18.06 35.90 -17.91
N THR A 692 -17.77 34.88 -17.11
CA THR A 692 -18.33 33.55 -17.34
C THR A 692 -19.35 33.05 -16.29
N MET A 693 -19.59 33.85 -15.26
CA MET A 693 -20.53 33.47 -14.19
C MET A 693 -21.91 32.99 -14.67
N PRO A 694 -22.57 33.74 -15.59
CA PRO A 694 -23.88 33.28 -16.04
C PRO A 694 -23.83 31.93 -16.75
N ILE A 695 -22.69 31.60 -17.35
CA ILE A 695 -22.51 30.31 -17.99
C ILE A 695 -22.48 29.22 -16.91
N PHE A 696 -21.90 29.54 -15.76
CA PHE A 696 -21.90 28.62 -14.64
C PHE A 696 -23.33 28.43 -14.12
N LYS A 697 -24.08 29.52 -14.03
CA LYS A 697 -25.49 29.42 -13.61
C LYS A 697 -26.30 28.56 -14.58
N ARG A 698 -26.11 28.79 -15.87
CA ARG A 698 -26.83 28.05 -16.90
C ARG A 698 -26.48 26.57 -16.89
N ILE A 699 -25.19 26.28 -16.77
CA ILE A 699 -24.70 24.91 -16.71
C ILE A 699 -25.22 24.22 -15.45
N ALA A 700 -25.38 24.99 -14.39
CA ALA A 700 -25.95 24.46 -13.15
C ALA A 700 -27.42 24.12 -13.34
N GLU A 701 -28.14 24.99 -14.05
CA GLU A 701 -29.57 24.77 -14.28
C GLU A 701 -29.82 23.60 -15.22
N MET A 702 -28.97 23.44 -16.23
CA MET A 702 -29.14 22.36 -17.20
C MET A 702 -28.88 20.99 -16.59
N TRP A 703 -27.86 20.90 -15.76
CA TRP A 703 -27.44 19.63 -15.19
C TRP A 703 -27.70 19.55 -13.69
N VAL A 704 -28.87 20.00 -13.26
CA VAL A 704 -29.26 19.94 -11.85
C VAL A 704 -29.52 18.48 -11.46
N GLU A 705 -29.95 17.70 -12.43
CA GLU A 705 -30.25 16.30 -12.23
C GLU A 705 -28.99 15.46 -12.01
N GLU A 706 -27.92 15.80 -12.72
CA GLU A 706 -26.66 15.08 -12.59
C GLU A 706 -25.70 15.80 -11.63
N ILE A 707 -25.17 15.06 -10.66
CA ILE A 707 -24.31 15.66 -9.63
C ILE A 707 -22.87 15.84 -10.11
N ASP A 708 -22.48 15.09 -11.14
CA ASP A 708 -21.12 15.10 -11.65
C ASP A 708 -20.70 16.49 -12.15
N VAL A 709 -21.53 17.07 -13.02
CA VAL A 709 -21.28 18.37 -13.59
C VAL A 709 -21.19 19.44 -12.49
N LEU A 710 -22.12 19.38 -11.55
CA LEU A 710 -22.14 20.29 -10.42
C LEU A 710 -20.82 20.19 -9.64
N GLU A 711 -20.38 18.96 -9.41
CA GLU A 711 -19.12 18.70 -8.72
C GLU A 711 -17.95 19.33 -9.48
N ALA A 712 -17.99 19.24 -10.81
CA ALA A 712 -16.93 19.81 -11.64
C ALA A 712 -16.88 21.34 -11.56
N ALA A 713 -18.05 21.97 -11.66
CA ALA A 713 -18.13 23.42 -11.56
C ALA A 713 -17.68 23.91 -10.18
N CYS A 714 -18.19 23.28 -9.14
CA CYS A 714 -17.80 23.61 -7.78
C CYS A 714 -16.31 23.38 -7.57
N SER A 715 -15.76 22.43 -8.31
CA SER A 715 -14.31 22.19 -8.27
C SER A 715 -13.58 23.36 -8.90
N ALA A 716 -14.17 23.92 -9.96
CA ALA A 716 -13.60 25.13 -10.57
C ALA A 716 -13.58 26.30 -9.59
N MET A 717 -14.72 26.53 -8.93
CA MET A 717 -14.80 27.61 -7.94
C MET A 717 -13.81 27.40 -6.80
N LYS A 718 -13.76 26.17 -6.29
CA LYS A 718 -12.89 25.84 -5.16
C LYS A 718 -11.42 26.05 -5.53
N HIS A 719 -11.01 25.53 -6.67
CA HIS A 719 -9.64 25.71 -7.15
C HIS A 719 -9.31 27.19 -7.32
N ALA A 720 -10.30 27.95 -7.80
CA ALA A 720 -10.17 29.39 -7.91
C ALA A 720 -9.85 30.01 -6.55
N ILE A 721 -10.73 29.81 -5.58
CA ILE A 721 -10.54 30.35 -4.23
C ILE A 721 -9.19 29.94 -3.63
N THR A 722 -8.84 28.66 -3.79
CA THR A 722 -7.57 28.15 -3.26
C THR A 722 -6.38 28.86 -3.89
N ASN A 723 -6.49 29.17 -5.17
CA ASN A 723 -5.39 29.84 -5.88
C ASN A 723 -5.13 31.26 -5.38
N LEU A 724 -6.14 32.11 -5.50
CA LEU A 724 -6.01 33.52 -5.14
C LEU A 724 -6.83 33.88 -3.92
N ARG A 725 -6.51 33.22 -2.81
CA ARG A 725 -7.27 33.36 -1.56
C ARG A 725 -7.53 34.81 -1.13
N SER A 726 -6.53 35.66 -1.28
CA SER A 726 -6.63 37.04 -0.84
C SER A 726 -7.43 37.92 -1.81
N SER A 727 -7.24 37.70 -3.11
CA SER A 727 -7.76 38.60 -4.12
C SER A 727 -9.08 38.15 -4.75
N PHE A 728 -9.80 37.26 -4.09
CA PHE A 728 -11.05 36.73 -4.63
C PHE A 728 -12.28 37.52 -4.19
N GLN A 729 -12.07 38.48 -3.29
CA GLN A 729 -13.15 39.23 -2.64
C GLN A 729 -14.31 39.79 -3.50
N PRO A 730 -14.00 40.43 -4.65
CA PRO A 730 -15.14 41.03 -5.37
C PRO A 730 -16.10 40.01 -5.99
N MET A 731 -15.60 38.83 -6.36
CA MET A 731 -16.43 37.84 -7.01
C MET A 731 -17.22 36.97 -6.03
N LEU A 732 -16.94 37.11 -4.73
CA LEU A 732 -17.57 36.25 -3.72
C LEU A 732 -19.06 36.50 -3.57
N GLN A 733 -19.50 37.72 -3.83
CA GLN A 733 -20.93 38.02 -3.75
C GLN A 733 -21.66 37.26 -4.86
N ASP A 734 -21.12 37.32 -6.06
CA ASP A 734 -21.66 36.57 -7.18
C ASP A 734 -21.57 35.06 -6.92
N LEU A 735 -20.55 34.67 -6.15
CA LEU A 735 -20.40 33.27 -5.76
C LEU A 735 -21.51 32.86 -4.79
N CYS A 736 -21.94 33.79 -3.94
CA CYS A 736 -23.02 33.53 -3.01
C CYS A 736 -24.33 33.45 -3.75
N LEU A 737 -24.50 34.33 -4.74
CA LEU A 737 -25.68 34.28 -5.59
C LEU A 737 -25.72 32.95 -6.36
N PHE A 738 -24.55 32.47 -6.76
CA PHE A 738 -24.44 31.23 -7.50
C PHE A 738 -24.78 30.02 -6.62
N ILE A 739 -24.23 30.03 -5.40
CA ILE A 739 -24.46 28.96 -4.44
C ILE A 739 -25.93 28.91 -4.03
N VAL A 740 -26.52 30.09 -3.78
CA VAL A 740 -27.94 30.17 -3.48
C VAL A 740 -28.76 29.66 -4.67
N ALA A 741 -28.32 30.01 -5.88
CA ALA A 741 -28.97 29.53 -7.10
C ALA A 741 -28.85 28.02 -7.25
N SER A 742 -27.81 27.45 -6.63
CA SER A 742 -27.59 26.01 -6.67
C SER A 742 -28.42 25.30 -5.61
N PHE A 743 -28.75 26.03 -4.54
CA PHE A 743 -29.61 25.50 -3.49
C PHE A 743 -31.05 25.40 -3.98
N GLN A 744 -31.48 26.39 -4.75
CA GLN A 744 -32.84 26.40 -5.28
C GLN A 744 -33.02 25.36 -6.38
N CYS A 748 -27.23 19.32 -2.33
CA CYS A 748 -26.13 18.68 -3.05
C CYS A 748 -24.80 18.87 -2.34
N ALA A 749 -23.98 17.82 -2.31
CA ALA A 749 -22.69 17.85 -1.63
C ALA A 749 -21.69 18.91 -2.10
N PRO A 750 -21.45 19.03 -3.43
CA PRO A 750 -20.44 20.00 -3.87
C PRO A 750 -20.78 21.44 -3.49
N THR A 751 -22.07 21.76 -3.41
CA THR A 751 -22.46 23.11 -3.01
C THR A 751 -22.10 23.35 -1.55
N LEU A 752 -22.28 22.32 -0.72
CA LEU A 752 -21.91 22.40 0.69
C LEU A 752 -20.40 22.53 0.83
N GLU A 753 -19.67 21.84 -0.04
CA GLU A 753 -18.20 21.88 -0.01
C GLU A 753 -17.65 23.26 -0.42
N ILE A 754 -18.18 23.81 -1.50
CA ILE A 754 -17.77 25.14 -1.93
C ILE A 754 -18.18 26.19 -0.90
N SER A 755 -19.33 25.99 -0.28
CA SER A 755 -19.77 26.87 0.82
C SER A 755 -18.75 26.82 1.96
N LYS A 756 -18.33 25.60 2.30
CA LYS A 756 -17.37 25.39 3.37
C LYS A 756 -16.07 26.11 3.10
N THR A 757 -15.48 25.85 1.93
CA THR A 757 -14.23 26.49 1.54
C THR A 757 -14.37 28.02 1.55
N ALA A 758 -15.49 28.51 1.02
CA ALA A 758 -15.74 29.95 0.98
C ALA A 758 -15.78 30.56 2.37
N ILE A 759 -16.45 29.90 3.31
CA ILE A 759 -16.54 30.41 4.68
C ILE A 759 -15.20 30.38 5.39
N VAL A 760 -14.54 29.22 5.34
CA VAL A 760 -13.23 29.05 5.98
C VAL A 760 -12.24 30.09 5.46
N MET A 761 -12.33 30.39 4.16
CA MET A 761 -11.41 31.34 3.55
C MET A 761 -11.71 32.80 3.87
N PHE A 762 -13.00 33.16 3.87
CA PHE A 762 -13.38 34.57 3.94
C PHE A 762 -13.76 35.10 5.32
N PHE A 763 -14.39 34.27 6.16
CA PHE A 763 -15.01 34.74 7.41
C PHE A 763 -14.13 35.60 8.33
N LYS A 764 -12.81 35.56 8.14
CA LYS A 764 -11.88 36.24 9.04
C LYS A 764 -11.97 37.78 9.10
N ASP A 765 -12.13 38.45 7.95
CA ASP A 765 -12.01 39.91 7.95
C ASP A 765 -12.74 40.66 6.82
N GLU A 766 -12.87 41.97 7.04
CA GLU A 766 -13.27 42.94 6.00
C GLU A 766 -14.65 42.72 5.39
N GLY A 767 -15.69 42.78 6.21
CA GLY A 767 -17.04 42.65 5.73
C GLY A 767 -17.35 41.34 5.03
N CYS A 768 -16.45 40.37 5.12
CA CYS A 768 -16.72 39.05 4.59
C CYS A 768 -17.49 38.23 5.62
N LYS A 769 -17.43 38.66 6.88
CA LYS A 769 -18.20 38.01 7.94
C LYS A 769 -19.72 38.08 7.74
N PRO A 770 -20.26 39.25 7.35
CA PRO A 770 -21.69 39.30 6.99
C PRO A 770 -22.07 38.30 5.91
N LEU A 771 -21.35 38.34 4.80
CA LEU A 771 -21.63 37.47 3.65
C LEU A 771 -21.53 36.00 4.01
N MET A 772 -20.50 35.65 4.78
CA MET A 772 -20.27 34.26 5.18
C MET A 772 -21.28 33.76 6.19
N GLN A 773 -21.74 34.66 7.07
CA GLN A 773 -22.72 34.30 8.08
C GLN A 773 -24.09 34.10 7.44
N GLN A 774 -24.45 35.02 6.53
CA GLN A 774 -25.68 34.91 5.76
C GLN A 774 -25.69 33.63 4.93
N LEU A 775 -24.62 33.43 4.16
CA LEU A 775 -24.44 32.23 3.36
C LEU A 775 -24.54 30.97 4.22
N LEU A 776 -23.97 31.03 5.41
CA LEU A 776 -24.05 29.92 6.35
C LEU A 776 -25.50 29.63 6.75
N ARG A 777 -26.22 30.69 7.11
CA ARG A 777 -27.64 30.56 7.45
C ARG A 777 -28.42 29.87 6.35
N GLU A 778 -28.25 30.35 5.12
CA GLU A 778 -28.89 29.71 3.96
C GLU A 778 -28.48 28.24 3.86
N PHE A 779 -27.17 28.01 3.98
CA PHE A 779 -26.55 26.69 3.89
C PHE A 779 -27.16 25.67 4.84
N ILE A 780 -27.45 26.11 6.07
CA ILE A 780 -28.04 25.22 7.05
C ILE A 780 -29.54 25.05 6.80
N GLN A 781 -30.21 26.17 6.53
CA GLN A 781 -31.67 26.17 6.33
C GLN A 781 -32.10 25.23 5.20
N HIS A 782 -31.48 25.37 4.04
CA HIS A 782 -31.83 24.55 2.88
C HIS A 782 -31.58 23.08 3.17
N SER A 783 -30.47 22.79 3.84
CA SER A 783 -30.16 21.44 4.26
C SER A 783 -31.26 20.88 5.14
N PHE A 784 -31.79 21.69 6.04
CA PHE A 784 -32.93 21.29 6.87
C PHE A 784 -34.13 20.95 5.99
N LYS A 785 -34.40 21.82 5.03
CA LYS A 785 -35.51 21.62 4.11
C LYS A 785 -35.37 20.29 3.37
N LEU A 786 -34.13 19.91 3.05
CA LEU A 786 -33.88 18.61 2.44
C LEU A 786 -34.08 17.48 3.45
N PHE A 787 -33.74 17.75 4.72
CA PHE A 787 -33.88 16.76 5.78
C PHE A 787 -35.34 16.45 6.06
N GLU A 788 -36.22 17.39 5.72
CA GLU A 788 -37.66 17.21 5.93
C GLU A 788 -38.23 16.02 5.13
N SER A 789 -37.42 15.48 4.24
CA SER A 789 -37.74 14.24 3.54
C SER A 789 -37.77 13.13 4.57
N THR A 790 -38.56 12.08 4.30
CA THR A 790 -38.85 11.07 5.31
C THR A 790 -37.61 10.34 5.82
N PRO A 791 -37.58 10.13 7.21
CA PRO A 791 -36.34 9.48 7.68
C PRO A 791 -36.14 8.06 7.14
N GLU A 792 -37.21 7.29 7.02
CA GLU A 792 -37.10 5.87 6.71
C GLU A 792 -36.45 5.63 5.35
N GLN A 793 -36.79 6.43 4.37
CA GLN A 793 -36.17 6.32 3.05
C GLN A 793 -34.94 7.22 2.93
N ASN A 794 -35.11 8.49 3.30
CA ASN A 794 -34.04 9.48 3.15
C ASN A 794 -32.78 9.13 3.93
N PHE A 795 -32.94 8.69 5.17
CA PHE A 795 -31.81 8.34 6.04
C PHE A 795 -30.76 7.50 5.33
N SER A 796 -31.22 6.45 4.65
CA SER A 796 -30.31 5.62 3.87
C SER A 796 -30.01 6.25 2.51
N ASN A 797 -31.02 6.86 1.91
CA ASN A 797 -30.87 7.44 0.57
C ASN A 797 -30.05 8.73 0.55
N ILE A 798 -30.18 9.54 1.60
CA ILE A 798 -29.47 10.83 1.66
C ILE A 798 -28.28 10.80 2.61
N SER A 799 -27.72 9.61 2.82
CA SER A 799 -26.61 9.44 3.76
C SER A 799 -25.36 10.20 3.34
N ASP A 800 -25.05 10.17 2.04
CA ASP A 800 -23.88 10.86 1.52
C ASP A 800 -23.94 12.36 1.80
N THR A 801 -25.11 12.94 1.56
CA THR A 801 -25.34 14.36 1.84
C THR A 801 -25.13 14.65 3.32
N MET A 802 -25.59 13.76 4.17
CA MET A 802 -25.44 13.92 5.61
C MET A 802 -23.97 13.91 6.01
N GLU A 803 -23.23 12.95 5.48
CA GLU A 803 -21.79 12.85 5.73
C GLU A 803 -21.08 14.12 5.32
N THR A 804 -21.29 14.54 4.08
CA THR A 804 -20.64 15.75 3.56
C THR A 804 -21.00 16.96 4.40
N PHE A 805 -22.27 17.04 4.78
CA PHE A 805 -22.81 18.13 5.57
C PHE A 805 -22.12 18.26 6.92
N PHE A 806 -22.11 17.17 7.68
CA PHE A 806 -21.50 17.18 9.01
C PHE A 806 -19.98 17.28 8.96
N GLY A 807 -19.38 16.79 7.89
CA GLY A 807 -17.95 16.95 7.70
C GLY A 807 -17.60 18.42 7.50
N CYS A 808 -18.30 19.06 6.57
CA CYS A 808 -18.12 20.49 6.32
C CYS A 808 -18.33 21.28 7.59
N LEU A 809 -19.45 21.03 8.27
CA LEU A 809 -19.76 21.72 9.53
C LEU A 809 -18.70 21.53 10.61
N THR A 810 -18.15 20.32 10.67
CA THR A 810 -17.09 20.01 11.62
C THR A 810 -15.86 20.85 11.31
N GLN A 811 -15.45 20.86 10.04
CA GLN A 811 -14.24 21.57 9.65
C GLN A 811 -14.36 23.09 9.80
N ILE A 812 -15.54 23.64 9.48
CA ILE A 812 -15.75 25.06 9.64
C ILE A 812 -15.84 25.47 11.11
N ILE A 813 -16.47 24.63 11.94
CA ILE A 813 -16.49 24.90 13.37
C ILE A 813 -15.07 24.88 13.95
N LYS A 814 -14.27 23.91 13.51
CA LYS A 814 -12.88 23.84 13.96
C LYS A 814 -12.07 25.05 13.51
N LYS A 815 -12.31 25.49 12.27
CA LYS A 815 -11.56 26.60 11.70
C LYS A 815 -11.89 27.93 12.36
N ILE A 816 -13.17 28.19 12.58
CA ILE A 816 -13.60 29.46 13.14
C ILE A 816 -14.49 29.27 14.35
N PRO A 817 -13.98 29.64 15.54
CA PRO A 817 -14.76 29.57 16.78
C PRO A 817 -15.84 30.65 16.82
N GLN A 818 -15.63 31.73 16.07
CA GLN A 818 -16.56 32.86 16.07
C GLN A 818 -17.91 32.50 15.44
N VAL A 819 -17.97 31.38 14.73
CA VAL A 819 -19.21 30.94 14.11
C VAL A 819 -20.27 30.64 15.17
N LEU A 820 -19.83 30.01 16.26
CA LEU A 820 -20.73 29.62 17.34
C LEU A 820 -21.32 30.83 18.08
N GLU A 821 -20.63 31.96 18.00
CA GLU A 821 -21.09 33.19 18.62
C GLU A 821 -22.42 33.65 18.03
N ASP A 822 -22.65 33.33 16.75
CA ASP A 822 -23.90 33.64 16.09
C ASP A 822 -25.02 32.85 16.76
N LYS A 823 -26.14 33.52 17.03
CA LYS A 823 -27.25 32.89 17.72
C LYS A 823 -28.46 32.71 16.81
N THR A 824 -28.29 33.06 15.54
CA THR A 824 -29.38 32.98 14.57
C THR A 824 -29.67 31.54 14.15
N LEU A 825 -28.63 30.72 14.04
CA LEU A 825 -28.78 29.34 13.57
C LEU A 825 -29.61 28.50 14.53
N ALA A 826 -30.21 27.43 13.99
CA ALA A 826 -31.03 26.52 14.79
C ALA A 826 -30.20 25.33 15.23
N TYR A 827 -29.43 25.51 16.31
CA TYR A 827 -28.49 24.51 16.77
C TYR A 827 -29.18 23.21 17.21
N ASP A 828 -30.37 23.35 17.79
CA ASP A 828 -31.12 22.19 18.28
C ASP A 828 -31.47 21.22 17.16
N ARG A 829 -31.96 21.76 16.04
CA ARG A 829 -32.30 20.96 14.87
C ARG A 829 -31.07 20.22 14.35
N LEU A 830 -29.96 20.96 14.24
CA LEU A 830 -28.69 20.39 13.81
C LEU A 830 -28.29 19.22 14.69
N VAL A 831 -28.39 19.42 16.01
CA VAL A 831 -28.11 18.36 16.96
C VAL A 831 -28.98 17.14 16.70
N PHE A 832 -30.31 17.33 16.67
CA PHE A 832 -31.24 16.24 16.40
C PHE A 832 -30.85 15.44 15.16
N TYR A 833 -30.58 16.14 14.06
CA TYR A 833 -30.19 15.50 12.82
C TYR A 833 -28.83 14.80 12.92
N ALA A 834 -27.97 15.25 13.82
CA ALA A 834 -26.70 14.58 14.07
C ALA A 834 -26.91 13.27 14.85
N GLN A 835 -27.80 13.32 15.85
CA GLN A 835 -28.16 12.12 16.60
C GLN A 835 -28.76 11.11 15.64
N ARG A 836 -29.52 11.60 14.66
CA ARG A 836 -30.00 10.73 13.58
C ARG A 836 -28.84 10.22 12.75
N GLY A 837 -27.81 11.07 12.61
CA GLY A 837 -26.63 10.72 11.85
C GLY A 837 -25.90 9.53 12.42
N MET A 838 -25.83 9.46 13.75
CA MET A 838 -25.16 8.33 14.41
C MET A 838 -25.87 7.01 14.09
N THR A 839 -27.17 7.08 13.84
CA THR A 839 -27.99 5.90 13.58
C THR A 839 -27.67 5.24 12.24
N LEU A 840 -27.41 6.06 11.24
CA LEU A 840 -27.14 5.60 9.88
C LEU A 840 -26.09 4.49 9.81
N PRO A 841 -26.30 3.51 8.93
CA PRO A 841 -25.36 2.39 8.77
C PRO A 841 -24.03 2.79 8.11
N GLU A 842 -24.07 3.73 7.17
CA GLU A 842 -22.88 4.15 6.45
C GLU A 842 -21.81 4.73 7.38
N SER A 843 -20.56 4.31 7.17
CA SER A 843 -19.45 4.69 8.02
C SER A 843 -19.19 6.19 8.06
N GLY A 844 -19.24 6.82 6.88
CA GLY A 844 -18.96 8.24 6.75
C GLY A 844 -19.90 9.10 7.55
N ALA A 845 -21.20 8.80 7.48
CA ALA A 845 -22.21 9.56 8.21
C ALA A 845 -21.96 9.46 9.72
N ILE A 846 -21.68 8.25 10.17
CA ILE A 846 -21.38 8.00 11.58
C ILE A 846 -20.18 8.82 12.03
N ARG A 847 -19.07 8.68 11.30
CA ARG A 847 -17.83 9.39 11.64
C ARG A 847 -18.03 10.89 11.68
N ASN A 848 -18.64 11.45 10.65
CA ASN A 848 -18.83 12.89 10.57
C ASN A 848 -19.80 13.45 11.61
N SER A 849 -20.88 12.71 11.88
CA SER A 849 -21.82 13.12 12.91
C SER A 849 -21.18 13.10 14.29
N ILE A 850 -20.49 12.02 14.60
CA ILE A 850 -19.81 11.89 15.88
C ILE A 850 -18.74 12.96 16.07
N GLN A 851 -17.94 13.18 15.02
CA GLN A 851 -16.93 14.22 15.04
C GLN A 851 -17.53 15.60 15.27
N PHE A 852 -18.58 15.91 14.51
CA PHE A 852 -19.26 17.19 14.64
C PHE A 852 -19.80 17.40 16.04
N LEU A 853 -20.40 16.37 16.61
CA LEU A 853 -20.93 16.46 17.97
C LEU A 853 -19.80 16.63 18.98
N THR A 854 -18.69 15.96 18.74
CA THR A 854 -17.52 16.07 19.61
C THR A 854 -17.02 17.51 19.65
N HIS A 855 -16.71 18.07 18.49
CA HIS A 855 -16.19 19.42 18.41
C HIS A 855 -17.21 20.48 18.86
N PHE A 856 -18.49 20.18 18.67
CA PHE A 856 -19.55 21.05 19.14
C PHE A 856 -19.57 21.08 20.66
N VAL A 857 -19.37 19.91 21.26
CA VAL A 857 -19.27 19.80 22.71
C VAL A 857 -18.04 20.53 23.23
N MET A 858 -16.94 20.45 22.49
CA MET A 858 -15.72 21.16 22.86
C MET A 858 -15.89 22.68 22.81
N GLN A 859 -16.58 23.15 21.78
CA GLN A 859 -16.77 24.59 21.60
C GLN A 859 -17.93 25.16 22.40
N SER A 860 -18.75 24.28 22.97
CA SER A 860 -19.93 24.72 23.71
C SER A 860 -19.61 25.29 25.08
N ARG A 861 -18.51 24.83 25.67
CA ARG A 861 -18.12 25.28 27.00
C ARG A 861 -17.80 26.77 27.04
N ASN A 862 -17.28 27.30 25.94
CA ASN A 862 -16.89 28.70 25.86
C ASN A 862 -18.08 29.65 25.76
N HIS A 863 -19.14 29.23 25.08
CA HIS A 863 -20.28 30.10 24.83
C HIS A 863 -21.57 29.62 25.52
N ALA A 864 -22.31 30.54 26.13
CA ALA A 864 -23.52 30.19 26.86
C ALA A 864 -24.65 29.76 25.93
N HIS A 865 -24.80 30.47 24.82
CA HIS A 865 -25.82 30.16 23.82
C HIS A 865 -25.72 28.71 23.35
N VAL A 866 -24.49 28.21 23.26
CA VAL A 866 -24.26 26.83 22.86
C VAL A 866 -24.41 25.86 24.04
N THR A 867 -23.98 26.29 25.23
CA THR A 867 -24.06 25.42 26.40
C THR A 867 -25.50 25.12 26.77
N GLU A 868 -26.42 26.04 26.47
CA GLU A 868 -27.84 25.77 26.69
C GLU A 868 -28.30 24.62 25.81
N VAL A 869 -27.86 24.63 24.54
CA VAL A 869 -28.19 23.57 23.60
C VAL A 869 -27.57 22.23 24.00
N VAL A 870 -26.33 22.25 24.47
CA VAL A 870 -25.68 21.02 24.94
C VAL A 870 -26.38 20.43 26.16
N LEU A 871 -26.71 21.27 27.12
CA LEU A 871 -27.43 20.81 28.31
C LEU A 871 -28.82 20.29 27.94
N ALA A 872 -29.43 20.90 26.93
CA ALA A 872 -30.77 20.50 26.50
C ALA A 872 -30.80 19.14 25.79
N THR A 873 -29.74 18.84 25.05
CA THR A 873 -29.73 17.63 24.22
C THR A 873 -28.63 16.64 24.59
N GLY A 874 -28.03 16.81 25.76
CA GLY A 874 -26.98 15.93 26.22
C GLY A 874 -27.46 14.51 26.49
N GLU A 875 -28.51 14.38 27.29
CA GLU A 875 -29.05 13.06 27.61
C GLU A 875 -29.54 12.31 26.37
N GLN A 876 -30.20 13.01 25.46
CA GLN A 876 -30.63 12.41 24.20
C GLN A 876 -29.42 11.88 23.43
N THR A 877 -28.34 12.65 23.45
CA THR A 877 -27.12 12.29 22.76
C THR A 877 -26.48 11.03 23.35
N LEU A 878 -26.38 10.97 24.67
CA LEU A 878 -25.83 9.79 25.33
C LEU A 878 -26.71 8.57 25.13
N TYR A 879 -28.01 8.80 25.06
CA TYR A 879 -28.96 7.73 24.84
C TYR A 879 -28.80 7.14 23.45
N THR A 880 -28.67 8.02 22.46
CA THR A 880 -28.48 7.59 21.08
C THR A 880 -27.13 6.89 20.93
N ALA A 881 -26.13 7.40 21.64
CA ALA A 881 -24.80 6.79 21.62
C ALA A 881 -24.88 5.37 22.16
N MET A 882 -25.51 5.23 23.32
CA MET A 882 -25.64 3.92 23.96
C MET A 882 -26.51 2.93 23.19
N MET A 883 -27.54 3.44 22.52
CA MET A 883 -28.38 2.59 21.69
C MET A 883 -27.59 2.11 20.49
N CYS A 884 -26.84 3.04 19.89
CA CYS A 884 -26.02 2.73 18.74
C CYS A 884 -24.97 1.67 19.06
N VAL A 885 -24.21 1.89 20.12
CA VAL A 885 -23.21 0.91 20.57
C VAL A 885 -23.88 -0.42 20.93
N GLY A 886 -25.04 -0.32 21.56
CA GLY A 886 -25.77 -1.50 22.03
C GLY A 886 -26.33 -2.40 20.94
N TYR A 887 -27.04 -1.83 19.98
CA TYR A 887 -27.67 -2.64 18.93
C TYR A 887 -27.74 -1.97 17.56
N LEU A 888 -27.91 -0.65 17.54
CA LEU A 888 -28.25 0.07 16.30
C LEU A 888 -27.19 -0.01 15.19
N THR A 889 -25.95 0.30 15.52
CA THR A 889 -24.89 0.42 14.52
C THR A 889 -24.23 -0.93 14.24
N PRO A 890 -23.67 -1.10 13.02
CA PRO A 890 -22.85 -2.28 12.72
C PRO A 890 -21.72 -2.45 13.73
N ARG A 891 -21.39 -3.69 14.07
CA ARG A 891 -20.40 -3.96 15.11
C ARG A 891 -18.99 -3.42 14.81
N SER A 892 -18.68 -3.24 13.53
CA SER A 892 -17.36 -2.74 13.13
C SER A 892 -17.27 -1.22 13.31
N GLN A 893 -18.38 -0.60 13.68
CA GLN A 893 -18.45 0.85 13.77
C GLN A 893 -18.57 1.35 15.21
N VAL A 894 -18.36 0.44 16.17
CA VAL A 894 -18.47 0.80 17.58
C VAL A 894 -17.36 1.74 18.00
N ASP A 895 -16.17 1.52 17.43
CA ASP A 895 -14.97 2.30 17.72
C ASP A 895 -15.21 3.80 17.63
N LYS A 896 -16.03 4.20 16.67
CA LYS A 896 -16.23 5.62 16.36
C LYS A 896 -16.89 6.41 17.50
N PHE A 897 -17.55 5.71 18.42
CA PHE A 897 -18.38 6.38 19.42
C PHE A 897 -17.63 6.90 20.65
N ALA A 898 -16.45 6.35 20.92
CA ALA A 898 -15.71 6.71 22.13
C ALA A 898 -15.35 8.20 22.22
N ASP A 899 -15.09 8.80 21.06
CA ASP A 899 -14.67 10.20 20.98
C ASP A 899 -15.68 11.15 21.59
N ILE A 900 -16.96 10.96 21.25
CA ILE A 900 -18.00 11.84 21.75
C ILE A 900 -18.17 11.70 23.26
N LEU A 901 -17.95 10.48 23.77
CA LEU A 901 -18.00 10.23 25.19
C LEU A 901 -16.87 10.98 25.88
N LEU A 902 -15.70 10.98 25.24
CA LEU A 902 -14.56 11.74 25.76
C LEU A 902 -14.86 13.24 25.80
N ALA A 903 -15.44 13.75 24.73
CA ALA A 903 -15.81 15.17 24.67
C ALA A 903 -16.78 15.51 25.80
N MET A 904 -17.79 14.66 25.97
CA MET A 904 -18.75 14.82 27.06
C MET A 904 -18.05 14.83 28.40
N ASN A 905 -17.02 14.00 28.55
CA ASN A 905 -16.26 13.93 29.79
C ASN A 905 -15.52 15.24 30.07
N ARG A 906 -14.73 15.69 29.10
CA ARG A 906 -13.94 16.90 29.26
C ARG A 906 -14.79 18.15 29.48
N LYS A 907 -15.75 18.37 28.59
CA LYS A 907 -16.56 19.59 28.66
C LYS A 907 -17.61 19.56 29.77
N TYR A 908 -18.04 18.37 30.16
CA TYR A 908 -19.13 18.25 31.13
C TYR A 908 -19.14 16.90 31.85
N ALA A 909 -18.14 16.71 32.72
CA ALA A 909 -17.95 15.43 33.41
C ALA A 909 -19.12 15.09 34.33
N ALA A 910 -19.61 16.08 35.06
CA ALA A 910 -20.75 15.89 35.95
C ALA A 910 -21.96 15.43 35.17
N GLU A 911 -22.26 16.15 34.09
CA GLU A 911 -23.42 15.86 33.27
C GLU A 911 -23.32 14.46 32.68
N MET A 912 -22.12 14.07 32.27
CA MET A 912 -21.94 12.72 31.73
C MET A 912 -22.15 11.68 32.83
N ALA A 913 -21.63 11.95 34.02
CA ALA A 913 -21.79 11.04 35.15
C ALA A 913 -23.27 10.80 35.46
N VAL A 914 -23.99 11.88 35.74
CA VAL A 914 -25.41 11.78 36.07
C VAL A 914 -26.26 11.22 34.92
N TRP A 915 -26.00 11.68 33.70
CA TRP A 915 -26.78 11.23 32.53
C TRP A 915 -26.54 9.77 32.18
N MET A 916 -25.29 9.33 32.33
CA MET A 916 -24.96 7.93 32.04
C MET A 916 -25.49 7.01 33.13
N LYS A 917 -25.29 7.40 34.38
CA LYS A 917 -25.82 6.64 35.51
C LYS A 917 -27.34 6.48 35.38
N SER A 918 -28.02 7.59 35.06
CA SER A 918 -29.46 7.56 34.87
C SER A 918 -29.86 6.67 33.68
N LEU A 919 -29.34 7.00 32.50
CA LEU A 919 -29.72 6.31 31.27
C LEU A 919 -29.28 4.85 31.19
N MET A 920 -28.48 4.41 32.16
CA MET A 920 -28.02 3.03 32.17
C MET A 920 -28.67 2.23 33.30
N SER A 921 -28.77 2.83 34.48
CA SER A 921 -29.37 2.15 35.62
C SER A 921 -30.90 2.13 35.53
N THR A 922 -31.49 3.27 35.19
CA THR A 922 -32.96 3.37 35.13
C THR A 922 -33.65 2.38 34.18
N PRO A 923 -33.19 2.26 32.91
CA PRO A 923 -33.95 1.38 32.03
C PRO A 923 -33.77 -0.10 32.37
N ASN A 924 -34.81 -0.89 32.14
CA ASN A 924 -34.75 -2.32 32.39
C ASN A 924 -33.97 -3.00 31.27
N PHE A 925 -33.94 -2.36 30.11
CA PHE A 925 -33.28 -2.93 28.94
C PHE A 925 -32.79 -1.90 27.94
N PRO A 926 -31.52 -1.48 28.07
CA PRO A 926 -30.81 -0.85 26.95
C PRO A 926 -30.81 -1.89 25.83
N THR A 927 -30.63 -3.13 26.26
CA THR A 927 -30.93 -4.32 25.46
C THR A 927 -31.13 -5.45 26.47
N GLN A 928 -31.87 -6.48 26.09
CA GLN A 928 -32.26 -7.52 27.05
C GLN A 928 -31.12 -8.45 27.43
N LEU A 929 -30.23 -8.73 26.49
CA LEU A 929 -29.20 -9.77 26.67
C LEU A 929 -28.17 -9.46 27.76
N ILE A 930 -27.80 -8.19 27.91
CA ILE A 930 -26.72 -7.82 28.82
C ILE A 930 -27.13 -7.97 30.29
N THR A 931 -26.22 -8.52 31.09
CA THR A 931 -26.44 -8.73 32.53
C THR A 931 -26.33 -7.40 33.25
N ASP A 932 -27.14 -7.21 34.30
CA ASP A 932 -27.17 -5.96 35.05
C ASP A 932 -25.82 -5.61 35.66
N ALA A 933 -25.16 -6.59 36.25
CA ALA A 933 -23.88 -6.38 36.91
C ALA A 933 -22.80 -5.93 35.93
N ASP A 934 -22.65 -6.67 34.84
CA ASP A 934 -21.66 -6.35 33.81
C ASP A 934 -21.96 -5.00 33.18
N LYS A 935 -23.24 -4.72 32.95
CA LYS A 935 -23.68 -3.45 32.39
C LYS A 935 -23.28 -2.29 33.29
N THR A 936 -23.56 -2.43 34.58
CA THR A 936 -23.24 -1.40 35.56
C THR A 936 -21.74 -1.19 35.66
N ARG A 937 -20.99 -2.29 35.67
CA ARG A 937 -19.53 -2.22 35.74
C ARG A 937 -18.96 -1.47 34.53
N TYR A 938 -19.44 -1.84 33.35
CA TYR A 938 -19.03 -1.18 32.11
C TYR A 938 -19.37 0.31 32.15
N THR A 939 -20.54 0.65 32.66
CA THR A 939 -20.95 2.04 32.79
C THR A 939 -19.99 2.80 33.70
N ALA A 940 -19.58 2.14 34.78
CA ALA A 940 -18.62 2.72 35.72
C ALA A 940 -17.29 2.96 35.03
N LEU A 941 -16.86 2.00 34.22
CA LEU A 941 -15.63 2.12 33.45
C LEU A 941 -15.68 3.30 32.48
N ILE A 942 -16.80 3.64 31.85
CA ILE A 942 -16.90 4.69 30.84
C ILE A 942 -16.75 6.10 31.42
N ILE A 943 -17.36 6.34 32.58
CA ILE A 943 -17.38 7.68 33.15
C ILE A 943 -16.06 8.07 33.81
N LYS A 944 -15.17 7.10 34.00
CA LYS A 944 -13.92 7.32 34.73
C LYS A 944 -12.74 7.69 33.82
N GLU A 945 -12.79 7.23 32.58
CA GLU A 945 -11.67 7.44 31.65
C GLU A 945 -11.83 8.70 30.81
N ASN A 948 -7.96 8.55 28.08
CA ASN A 948 -7.72 7.48 27.13
C ASN A 948 -8.91 7.19 26.21
N LYS A 949 -8.62 7.00 24.94
CA LYS A 949 -9.65 6.67 23.95
C LYS A 949 -9.60 5.18 23.62
N ARG A 950 -8.32 4.55 23.64
CA ARG A 950 -8.09 3.14 23.35
C ARG A 950 -8.77 2.22 24.36
N LEU A 951 -8.58 2.50 25.64
CA LEU A 951 -9.19 1.71 26.70
C LEU A 951 -10.71 1.76 26.59
N LEU A 952 -11.25 2.97 26.40
CA LEU A 952 -12.68 3.14 26.25
C LEU A 952 -13.20 2.42 25.02
N GLN A 953 -12.35 2.28 24.01
CA GLN A 953 -12.73 1.56 22.80
C GLN A 953 -12.81 0.07 23.09
N GLN A 954 -11.87 -0.42 23.89
CA GLN A 954 -11.87 -1.82 24.29
C GLN A 954 -13.11 -2.13 25.13
N HIS A 955 -13.40 -1.25 26.08
CA HIS A 955 -14.55 -1.41 26.96
C HIS A 955 -15.87 -1.34 26.19
N LEU A 956 -15.97 -0.37 25.29
CA LEU A 956 -17.16 -0.20 24.47
C LEU A 956 -17.36 -1.39 23.54
N SER A 957 -16.26 -1.95 23.04
CA SER A 957 -16.34 -3.11 22.16
C SER A 957 -16.82 -4.33 22.91
N GLU A 958 -16.18 -4.61 24.04
CA GLU A 958 -16.56 -5.73 24.89
C GLU A 958 -18.02 -5.62 25.30
N MET A 959 -18.41 -4.42 25.73
CA MET A 959 -19.80 -4.15 26.08
C MET A 959 -20.72 -4.44 24.91
N ALA A 960 -20.40 -3.91 23.74
CA ALA A 960 -21.22 -4.12 22.55
C ALA A 960 -21.42 -5.62 22.29
N MET A 961 -20.34 -6.38 22.45
CA MET A 961 -20.41 -7.83 22.32
C MET A 961 -21.36 -8.44 23.35
N LYS A 962 -21.34 -7.92 24.58
CA LYS A 962 -22.23 -8.43 25.62
C LYS A 962 -23.70 -8.08 25.36
N THR A 963 -23.95 -6.84 24.94
CA THR A 963 -25.29 -6.37 24.63
C THR A 963 -25.91 -7.14 23.49
N ARG A 964 -25.18 -7.25 22.38
CA ARG A 964 -25.68 -8.00 21.23
C ARG A 964 -25.70 -9.49 21.54
N GLY A 965 -25.02 -9.88 22.61
CA GLY A 965 -24.97 -11.27 23.03
C GLY A 965 -24.10 -12.09 22.10
N LEU A 966 -23.17 -11.43 21.41
CA LEU A 966 -22.28 -12.11 20.48
C LEU A 966 -21.39 -13.11 21.22
N THR A 967 -20.83 -14.05 20.45
CA THR A 967 -20.04 -15.17 20.97
C THR A 967 -19.05 -14.77 22.05
#